data_2OZB
#
_entry.id   2OZB
#
_cell.length_a   83.555
_cell.length_b   99.896
_cell.length_c   169.645
_cell.angle_alpha   90.00
_cell.angle_beta   90.00
_cell.angle_gamma   90.00
#
_symmetry.space_group_name_H-M   'P 21 21 21'
#
loop_
_entity.id
_entity.type
_entity.pdbx_description
1 polymer "RNA comprising the 5' Stem-Loop RNA of  U4snRNA"
2 polymer 'U4/U6.U5 tri-snRNP 15.5 kDa protein'
3 polymer 'U4/U6 small nuclear ribonucleoprotein Prp31'
4 non-polymer 'CALCIUM ION'
5 water water
#
loop_
_entity_poly.entity_id
_entity_poly.type
_entity_poly.pdbx_seq_one_letter_code
_entity_poly.pdbx_strand_id
1 'polyribonucleotide' AUCGUAGCCAAUGAGGUUUAUCCGAGGCGCGAU C,F
2 'polypeptide(L)'
;GSMTEADVNPKAYPLADAHLTKKLLDLVQQSCNYKQLRKGANEATKTLNRGISEFIVMAADAEPLEIILHLPLLCEDKNV
PYVFVRSKQALGRACGVSRPVIACSVTIKEGSQLKQQIQSIQQSIERLLV
;
A,D
3 'polypeptide(L)'
;GPLGSEVMGPVEAAPEYRVIVDANNLTVEIENELNIIHKFIRDKYSKRFPELESLVPNALDYIRTVKELGNSLDKCKNNE
NLQQILTNATIMVVSVTASTTQGQQLSEEELERLEEACDMALELNASKHRIYEYVESRMSFIAPNLSIIIGASTAAKIMG
VAGGLTNLSKMPACNIMLLGAQRKTLSGFSSTSVLPHTGYIYHSDIVQSLPPDLRRKAARLVAAKCTLAARVDSFHESTE
GKVGYELKDEIERKFDKWQE
;
B,E
#
# COMPACT_ATOMS: atom_id res chain seq x y z
N GLU C 5 34.88 -6.55 42.10
CA GLU C 5 33.85 -7.35 42.80
C GLU C 5 32.74 -6.45 43.38
N ALA C 6 32.01 -5.76 42.52
CA ALA C 6 32.30 -5.66 41.07
C ALA C 6 32.25 -4.18 40.69
N ASP C 7 31.28 -3.48 41.30
CA ASP C 7 31.07 -2.02 41.22
C ASP C 7 32.09 -1.20 40.40
N VAL C 8 31.66 -0.15 39.69
CA VAL C 8 30.28 0.35 39.53
C VAL C 8 30.29 0.93 38.12
N ASN C 9 29.18 0.78 37.38
CA ASN C 9 29.12 1.22 35.99
C ASN C 9 29.47 2.71 35.85
N PRO C 10 30.48 3.04 35.02
CA PRO C 10 30.90 4.45 34.87
C PRO C 10 29.79 5.32 34.27
N LYS C 11 28.82 4.67 33.66
CA LYS C 11 27.77 5.35 32.93
C LYS C 11 26.64 5.81 33.88
N ALA C 12 26.70 5.32 35.11
CA ALA C 12 25.77 5.75 36.17
C ALA C 12 26.26 7.09 36.76
N TYR C 13 26.17 8.13 35.94
CA TYR C 13 26.63 9.45 36.31
C TYR C 13 25.44 10.41 36.39
N PRO C 14 25.36 11.24 37.44
CA PRO C 14 26.24 11.33 38.61
C PRO C 14 25.83 10.36 39.70
N LEU C 15 26.82 9.93 40.48
CA LEU C 15 26.64 8.98 41.55
C LEU C 15 26.77 9.68 42.90
N ALA C 16 25.79 9.45 43.75
CA ALA C 16 25.80 10.06 45.07
C ALA C 16 26.78 9.34 45.99
N ASP C 17 27.43 10.11 46.84
CA ASP C 17 28.24 9.55 47.90
C ASP C 17 27.32 9.03 49.01
N ALA C 18 27.95 8.48 50.06
CA ALA C 18 27.22 7.89 51.16
C ALA C 18 26.28 8.89 51.84
N HIS C 19 26.76 10.13 52.07
CA HIS C 19 25.97 11.17 52.74
C HIS C 19 24.79 11.67 51.91
N LEU C 20 25.00 11.84 50.60
CA LEU C 20 23.91 12.27 49.76
C LEU C 20 22.88 11.14 49.55
N THR C 21 23.35 9.91 49.34
CA THR C 21 22.48 8.74 49.23
C THR C 21 21.53 8.71 50.44
N LYS C 22 22.06 8.88 51.64
CA LYS C 22 21.21 8.88 52.84
C LYS C 22 20.12 9.97 52.80
N LYS C 23 20.51 11.19 52.41
CA LYS C 23 19.55 12.27 52.24
C LYS C 23 18.50 11.91 51.20
N LEU C 24 18.94 11.48 50.02
CA LEU C 24 18.04 11.14 48.92
C LEU C 24 17.00 10.13 49.35
N LEU C 25 17.44 9.04 49.98
CA LEU C 25 16.53 7.97 50.37
C LEU C 25 15.56 8.44 51.44
N ASP C 26 16.03 9.30 52.34
CA ASP C 26 15.14 9.93 53.33
C ASP C 26 14.07 10.73 52.65
N LEU C 27 14.44 11.50 51.64
CA LEU C 27 13.49 12.38 51.03
C LEU C 27 12.54 11.55 50.15
N VAL C 28 13.09 10.51 49.52
CA VAL C 28 12.25 9.60 48.76
C VAL C 28 11.23 8.95 49.69
N GLN C 29 11.63 8.60 50.90
CA GLN C 29 10.66 8.03 51.86
C GLN C 29 9.55 9.02 52.22
N GLN C 30 9.93 10.27 52.50
CA GLN C 30 8.98 11.35 52.80
C GLN C 30 8.03 11.58 51.64
N SER C 31 8.58 11.67 50.44
CA SER C 31 7.80 11.89 49.22
C SER C 31 6.71 10.86 49.10
N CYS C 32 7.03 9.66 49.52
CA CYS C 32 6.10 8.56 49.51
C CYS C 32 4.99 8.84 50.51
N ASN C 33 5.36 9.12 51.75
CA ASN C 33 4.41 9.49 52.80
C ASN C 33 3.49 10.66 52.44
N TYR C 34 4.03 11.62 51.70
CA TYR C 34 3.27 12.81 51.32
C TYR C 34 2.62 12.71 49.92
N LYS C 35 2.51 11.52 49.36
CA LYS C 35 1.85 11.31 48.05
C LYS C 35 2.50 12.07 46.89
N GLN C 36 3.81 12.21 46.92
CA GLN C 36 4.53 12.89 45.85
C GLN C 36 5.54 11.95 45.17
N LEU C 37 5.25 10.66 45.10
CA LEU C 37 6.21 9.76 44.52
C LEU C 37 5.64 8.83 43.45
N ARG C 38 6.38 8.74 42.35
CA ARG C 38 6.11 7.79 41.29
C ARG C 38 7.26 6.77 41.27
N LYS C 39 6.89 5.49 41.31
CA LYS C 39 7.84 4.40 41.45
C LYS C 39 7.89 3.63 40.15
N GLY C 40 9.08 3.55 39.56
CA GLY C 40 9.24 2.78 38.34
C GLY C 40 9.70 3.66 37.20
N ALA C 41 10.57 3.10 36.37
CA ALA C 41 11.12 3.75 35.19
C ALA C 41 10.02 4.17 34.23
N ASN C 42 9.04 3.28 34.00
CA ASN C 42 7.93 3.62 33.15
C ASN C 42 7.15 4.88 33.65
N GLU C 43 6.80 4.89 34.93
CA GLU C 43 6.05 6.02 35.48
C GLU C 43 6.93 7.28 35.56
N ALA C 44 8.21 7.11 35.89
CA ALA C 44 9.20 8.20 35.80
C ALA C 44 9.16 8.86 34.43
N THR C 45 9.18 8.02 33.38
CA THR C 45 9.19 8.52 32.03
C THR C 45 7.96 9.41 31.88
N LYS C 46 6.81 8.92 32.32
CA LYS C 46 5.59 9.70 32.19
C LYS C 46 5.71 11.05 32.93
N THR C 47 6.39 11.09 34.08
CA THR C 47 6.42 12.35 34.82
C THR C 47 7.20 13.40 34.06
N LEU C 48 8.33 12.98 33.51
CA LEU C 48 9.19 13.83 32.67
C LEU C 48 8.49 14.35 31.41
N ASN C 49 7.90 13.45 30.61
CA ASN C 49 7.10 13.87 29.44
C ASN C 49 6.00 14.87 29.78
N ARG C 50 5.48 14.80 31.00
CA ARG C 50 4.40 15.68 31.44
C ARG C 50 4.88 16.91 32.24
N GLY C 51 6.17 16.97 32.58
CA GLY C 51 6.76 18.11 33.25
C GLY C 51 6.28 18.27 34.67
N ILE C 52 6.09 17.14 35.37
CA ILE C 52 5.67 17.17 36.76
C ILE C 52 6.70 16.53 37.66
N SER C 53 7.97 16.47 37.21
CA SER C 53 9.02 15.90 38.03
C SER C 53 9.86 16.98 38.71
N GLU C 54 10.11 16.79 39.99
CA GLU C 54 11.02 17.65 40.73
C GLU C 54 12.47 17.20 40.51
N PHE C 55 12.67 15.88 40.53
CA PHE C 55 13.96 15.23 40.32
C PHE C 55 13.75 13.72 40.22
N ILE C 56 14.76 13.04 39.67
CA ILE C 56 14.74 11.62 39.38
C ILE C 56 15.85 10.94 40.16
N VAL C 57 15.56 9.79 40.76
CA VAL C 57 16.60 8.98 41.37
C VAL C 57 16.58 7.64 40.67
N MET C 58 17.75 7.18 40.24
CA MET C 58 17.86 5.88 39.59
C MET C 58 18.85 5.00 40.30
N ALA C 59 18.80 3.69 40.01
CA ALA C 59 19.68 2.73 40.66
C ALA C 59 20.86 2.34 39.77
N ALA C 60 22.09 2.53 40.25
CA ALA C 60 23.30 2.16 39.46
C ALA C 60 23.45 0.68 39.14
N ASP C 61 22.78 -0.19 39.88
CA ASP C 61 22.93 -1.61 39.61
C ASP C 61 21.75 -2.19 38.82
N ALA C 62 21.01 -1.34 38.11
CA ALA C 62 20.04 -1.85 37.12
C ALA C 62 20.77 -2.63 36.01
N GLU C 63 20.37 -3.87 35.77
CA GLU C 63 21.02 -4.65 34.73
C GLU C 63 20.11 -5.14 33.61
N PRO C 64 20.41 -4.75 32.36
CA PRO C 64 21.51 -3.84 32.02
C PRO C 64 21.17 -2.37 32.27
N LEU C 65 22.21 -1.59 32.54
CA LEU C 65 22.01 -0.22 32.94
C LEU C 65 21.22 0.55 31.90
N GLU C 66 21.25 0.11 30.64
CA GLU C 66 20.61 0.89 29.57
C GLU C 66 19.09 0.94 29.61
N ILE C 67 18.50 0.05 30.39
CA ILE C 67 17.06 0.07 30.56
C ILE C 67 16.56 1.34 31.27
N ILE C 68 17.47 2.19 31.74
CA ILE C 68 17.08 3.49 32.30
C ILE C 68 17.89 4.68 31.81
N LEU C 69 18.86 4.43 30.95
CA LEU C 69 19.72 5.49 30.49
C LEU C 69 19.00 6.48 29.57
N HIS C 70 17.74 6.20 29.21
CA HIS C 70 16.92 7.18 28.49
C HIS C 70 16.49 8.32 29.41
N LEU C 71 16.34 8.01 30.70
CA LEU C 71 15.96 9.01 31.68
C LEU C 71 16.89 10.25 31.76
N PRO C 72 18.23 10.07 31.83
CA PRO C 72 19.10 11.26 31.85
C PRO C 72 18.91 12.11 30.61
N LEU C 73 18.79 11.44 29.46
CA LEU C 73 18.51 12.14 28.22
C LEU C 73 17.20 12.91 28.29
N LEU C 74 16.14 12.31 28.84
CA LEU C 74 14.85 13.00 28.99
C LEU C 74 14.95 14.17 29.93
N CYS C 75 15.61 13.96 31.06
CA CYS C 75 15.92 15.00 32.04
C CYS C 75 16.72 16.17 31.47
N GLU C 76 17.66 15.90 30.57
CA GLU C 76 18.46 16.96 29.99
C GLU C 76 17.52 17.83 29.18
N ASP C 77 16.63 17.18 28.44
CA ASP C 77 15.56 17.83 27.68
C ASP C 77 14.77 18.82 28.51
N LYS C 78 14.43 18.40 29.73
CA LYS C 78 13.40 19.06 30.52
C LYS C 78 14.01 19.94 31.63
N ASN C 79 15.34 20.06 31.61
CA ASN C 79 16.13 20.70 32.67
C ASN C 79 15.72 20.18 34.05
N VAL C 80 15.81 18.87 34.22
CA VAL C 80 15.39 18.21 35.45
C VAL C 80 16.55 17.44 36.07
N PRO C 81 16.83 17.68 37.36
CA PRO C 81 17.92 17.02 38.06
C PRO C 81 17.69 15.53 38.24
N TYR C 82 18.75 14.75 38.05
CA TYR C 82 18.72 13.30 38.22
C TYR C 82 20.00 12.84 38.90
N VAL C 83 19.89 11.79 39.69
CA VAL C 83 21.07 11.19 40.31
C VAL C 83 20.91 9.69 40.41
N PHE C 84 22.05 9.02 40.59
CA PHE C 84 22.11 7.59 40.80
C PHE C 84 22.46 7.27 42.23
N VAL C 85 21.86 6.20 42.75
CA VAL C 85 22.29 5.62 44.01
C VAL C 85 22.77 4.21 43.69
N ARG C 86 23.58 3.61 44.57
CA ARG C 86 24.19 2.33 44.25
C ARG C 86 23.20 1.18 44.14
N SER C 87 22.18 1.17 45.01
CA SER C 87 21.40 -0.03 45.25
C SER C 87 19.87 0.08 45.00
N LYS C 88 19.39 -0.70 44.03
CA LYS C 88 17.95 -0.78 43.73
C LYS C 88 17.14 -1.41 44.86
N GLN C 89 17.78 -2.24 45.66
CA GLN C 89 17.15 -2.81 46.83
C GLN C 89 16.83 -1.65 47.78
N ALA C 90 17.82 -0.79 48.02
CA ALA C 90 17.64 0.33 48.94
C ALA C 90 16.57 1.32 48.44
N LEU C 91 16.61 1.64 47.15
CA LEU C 91 15.63 2.55 46.56
C LEU C 91 14.19 2.04 46.71
N GLY C 92 13.99 0.74 46.50
CA GLY C 92 12.68 0.13 46.65
C GLY C 92 12.26 0.14 48.09
N ARG C 93 13.25 -0.02 48.97
CA ARG C 93 13.02 0.02 50.41
C ARG C 93 12.58 1.45 50.76
N ALA C 94 13.23 2.45 50.17
CA ALA C 94 12.85 3.84 50.39
C ALA C 94 11.55 4.19 49.69
N CYS C 95 11.14 3.41 48.70
CA CYS C 95 9.91 3.71 48.00
C CYS C 95 8.69 3.09 48.70
N GLY C 96 8.89 2.54 49.90
CA GLY C 96 7.84 1.79 50.59
C GLY C 96 7.32 0.58 49.80
N VAL C 97 8.20 -0.03 49.03
CA VAL C 97 7.85 -1.11 48.12
C VAL C 97 8.64 -2.38 48.44
N SER C 98 8.03 -3.52 48.22
CA SER C 98 8.66 -4.76 48.65
C SER C 98 9.44 -5.47 47.53
N ARG C 99 9.95 -4.70 46.56
CA ARG C 99 10.81 -5.21 45.48
C ARG C 99 11.74 -4.10 45.02
N PRO C 100 12.88 -4.44 44.37
CA PRO C 100 13.78 -3.35 44.00
C PRO C 100 13.09 -2.31 43.11
N VAL C 101 13.64 -1.12 43.07
CA VAL C 101 13.13 -0.07 42.20
C VAL C 101 14.33 0.50 41.51
N ILE C 102 14.30 0.55 40.19
CA ILE C 102 15.49 1.06 39.50
C ILE C 102 15.44 2.54 39.20
N ALA C 103 14.26 3.15 39.34
CA ALA C 103 14.07 4.56 39.03
C ALA C 103 12.78 5.07 39.64
N CYS C 104 12.84 6.29 40.18
CA CYS C 104 11.62 6.90 40.70
C CYS C 104 11.64 8.39 40.52
N SER C 105 10.49 9.01 40.75
CA SER C 105 10.36 10.40 40.46
C SER C 105 9.54 11.05 41.56
N VAL C 106 10.14 12.05 42.20
CA VAL C 106 9.41 12.92 43.11
C VAL C 106 8.69 13.98 42.27
N THR C 107 7.40 14.14 42.51
CA THR C 107 6.54 14.94 41.65
C THR C 107 6.20 16.33 42.22
N ILE C 108 6.02 17.29 41.32
CA ILE C 108 5.67 18.66 41.68
C ILE C 108 4.30 18.67 42.32
N LYS C 109 4.21 19.26 43.51
CA LYS C 109 2.95 19.41 44.18
C LYS C 109 2.89 20.81 44.80
N GLU C 110 1.97 21.62 44.30
CA GLU C 110 1.77 22.98 44.78
C GLU C 110 1.46 23.05 46.28
N GLY C 111 2.27 23.79 47.02
CA GLY C 111 2.08 23.92 48.47
C GLY C 111 2.63 22.79 49.32
N SER C 112 3.36 21.89 48.68
CA SER C 112 4.00 20.77 49.36
C SER C 112 4.76 21.19 50.61
N GLN C 113 4.45 20.57 51.74
CA GLN C 113 5.23 20.75 52.97
C GLN C 113 6.70 20.39 52.81
N LEU C 114 7.04 19.84 51.65
CA LEU C 114 8.36 19.35 51.32
C LEU C 114 9.13 20.26 50.34
N LYS C 115 8.55 21.39 49.93
CA LYS C 115 9.20 22.32 48.99
C LYS C 115 10.64 22.61 49.36
N GLN C 116 10.85 22.91 50.63
CA GLN C 116 12.15 23.29 51.12
C GLN C 116 13.17 22.17 51.06
N GLN C 117 12.78 20.95 51.40
CA GLN C 117 13.69 19.83 51.34
C GLN C 117 13.96 19.42 49.90
N ILE C 118 12.93 19.51 49.06
CA ILE C 118 13.06 19.19 47.64
C ILE C 118 13.99 20.18 46.98
N GLN C 119 13.76 21.46 47.25
CA GLN C 119 14.62 22.49 46.71
C GLN C 119 16.06 22.25 47.13
N SER C 120 16.25 21.82 48.37
CA SER C 120 17.59 21.56 48.89
C SER C 120 18.26 20.42 48.16
N ILE C 121 17.53 19.35 47.92
CA ILE C 121 18.09 18.21 47.22
C ILE C 121 18.42 18.54 45.76
N GLN C 122 17.56 19.33 45.13
CA GLN C 122 17.83 19.78 43.79
C GLN C 122 19.18 20.46 43.73
N GLN C 123 19.43 21.38 44.64
CA GLN C 123 20.74 22.03 44.67
C GLN C 123 21.85 21.01 44.87
N SER C 124 21.68 20.10 45.84
CA SER C 124 22.68 19.03 46.07
C SER C 124 23.00 18.30 44.77
N ILE C 125 21.95 17.92 44.03
CA ILE C 125 22.14 17.25 42.75
C ILE C 125 22.82 18.15 41.73
N GLU C 126 22.34 19.39 41.61
CA GLU C 126 22.80 20.29 40.55
C GLU C 126 24.29 20.51 40.60
N ARG C 127 24.87 20.41 41.79
CA ARG C 127 26.28 20.75 41.98
C ARG C 127 27.22 19.57 41.73
N LEU C 128 26.63 18.42 41.44
CA LEU C 128 27.36 17.28 40.95
C LEU C 128 27.36 17.31 39.42
N LEU C 129 26.20 17.67 38.85
CA LEU C 129 26.05 17.78 37.40
C LEU C 129 26.85 18.97 36.90
N VAL C 130 27.59 19.58 37.82
CA VAL C 130 28.34 20.85 37.64
C VAL C 130 27.41 22.02 37.20
N GLU D 12 20.22 10.79 11.38
N GLU D 12 18.31 10.35 11.30
CA GLU D 12 19.58 11.91 10.62
CA GLU D 12 18.67 11.62 10.59
C GLU D 12 19.84 11.75 9.13
C GLU D 12 19.12 11.34 9.16
N ALA D 13 18.99 12.36 8.31
CA ALA D 13 19.14 12.29 6.83
C ALA D 13 19.00 10.89 6.21
N ALA D 14 17.77 10.57 5.79
CA ALA D 14 17.42 9.24 5.28
C ALA D 14 17.94 8.08 6.18
N PRO D 15 17.29 7.86 7.35
CA PRO D 15 17.71 6.79 8.25
C PRO D 15 17.27 5.43 7.71
N GLU D 16 18.05 4.39 7.97
CA GLU D 16 17.69 3.06 7.50
C GLU D 16 16.30 2.60 7.91
N TYR D 17 15.94 2.76 9.19
CA TYR D 17 14.75 2.09 9.72
C TYR D 17 13.54 2.36 8.84
N ARG D 18 13.47 3.56 8.25
CA ARG D 18 12.34 3.91 7.41
C ARG D 18 12.25 3.03 6.14
N VAL D 19 13.41 2.70 5.57
CA VAL D 19 13.45 1.85 4.40
C VAL D 19 12.94 0.44 4.73
N ILE D 20 13.38 -0.05 5.88
CA ILE D 20 13.00 -1.36 6.34
C ILE D 20 11.52 -1.38 6.72
N VAL D 21 11.02 -0.30 7.32
CA VAL D 21 9.61 -0.24 7.72
C VAL D 21 8.73 -0.32 6.49
N ASP D 22 9.12 0.40 5.45
CA ASP D 22 8.35 0.34 4.22
C ASP D 22 8.53 -0.95 3.40
N ALA D 23 9.68 -1.62 3.53
CA ALA D 23 9.85 -2.93 2.89
C ALA D 23 8.95 -3.94 3.58
N ASN D 24 8.90 -3.83 4.91
CA ASN D 24 8.12 -4.75 5.68
C ASN D 24 6.65 -4.56 5.38
N ASN D 25 6.29 -3.34 5.06
CA ASN D 25 4.94 -3.03 4.72
C ASN D 25 4.47 -3.61 3.40
N LEU D 26 5.40 -3.72 2.43
CA LEU D 26 5.17 -4.41 1.18
C LEU D 26 4.70 -5.84 1.36
N THR D 27 5.33 -6.60 2.25
CA THR D 27 4.92 -7.98 2.47
C THR D 27 3.46 -8.01 2.91
N VAL D 28 3.06 -6.99 3.67
CA VAL D 28 1.67 -6.90 4.12
C VAL D 28 0.79 -6.68 2.91
N GLU D 29 1.13 -5.72 2.06
CA GLU D 29 0.43 -5.54 0.79
C GLU D 29 0.45 -6.83 -0.06
N ILE D 30 1.59 -7.50 -0.10
CA ILE D 30 1.70 -8.75 -0.85
C ILE D 30 0.75 -9.83 -0.35
N GLU D 31 0.67 -10.03 0.98
CA GLU D 31 -0.34 -10.93 1.56
C GLU D 31 -1.76 -10.54 1.18
N ASN D 32 -2.10 -9.26 1.21
CA ASN D 32 -3.46 -8.87 0.81
C ASN D 32 -3.77 -9.28 -0.63
N GLU D 33 -2.81 -9.08 -1.55
CA GLU D 33 -3.01 -9.47 -2.93
C GLU D 33 -3.09 -10.98 -3.03
N LEU D 34 -2.24 -11.65 -2.27
CA LEU D 34 -2.16 -13.09 -2.31
C LEU D 34 -3.48 -13.74 -1.94
N ASN D 35 -4.21 -13.22 -0.96
CA ASN D 35 -5.46 -13.92 -0.71
C ASN D 35 -6.67 -13.42 -1.45
N ILE D 36 -6.54 -12.25 -2.07
CA ILE D 36 -7.50 -11.83 -3.07
C ILE D 36 -7.36 -12.73 -4.30
N ILE D 37 -6.13 -13.13 -4.62
CA ILE D 37 -5.91 -14.06 -5.74
C ILE D 37 -6.41 -15.46 -5.39
N HIS D 38 -6.15 -15.91 -4.16
CA HIS D 38 -6.68 -17.19 -3.71
C HIS D 38 -8.20 -17.20 -3.86
N LYS D 39 -8.87 -16.14 -3.40
CA LYS D 39 -10.33 -16.06 -3.44
C LYS D 39 -10.80 -16.10 -4.86
N PHE D 40 -10.05 -15.43 -5.73
CA PHE D 40 -10.38 -15.42 -7.14
C PHE D 40 -10.23 -16.79 -7.79
N ILE D 41 -9.09 -17.43 -7.53
CA ILE D 41 -8.79 -18.74 -8.08
C ILE D 41 -9.79 -19.76 -7.58
N ARG D 42 -10.11 -19.74 -6.29
CA ARG D 42 -11.07 -20.73 -5.77
C ARG D 42 -12.44 -20.50 -6.42
N ASP D 43 -12.81 -19.24 -6.64
CA ASP D 43 -14.09 -18.94 -7.27
C ASP D 43 -14.15 -19.47 -8.71
N LYS D 44 -13.10 -19.22 -9.49
CA LYS D 44 -13.09 -19.61 -10.90
C LYS D 44 -12.88 -21.10 -11.16
N TYR D 45 -12.05 -21.72 -10.33
CA TYR D 45 -11.84 -23.17 -10.43
C TYR D 45 -13.08 -23.98 -9.99
N SER D 46 -13.92 -23.37 -9.15
CA SER D 46 -15.14 -24.01 -8.68
C SER D 46 -16.09 -24.47 -9.81
N LYS D 47 -15.99 -23.85 -10.98
CA LYS D 47 -16.72 -24.30 -12.17
C LYS D 47 -16.25 -25.69 -12.57
N ARG D 48 -14.97 -25.98 -12.36
CA ARG D 48 -14.41 -27.24 -12.82
C ARG D 48 -14.47 -28.34 -11.80
N PHE D 49 -14.23 -28.01 -10.54
CA PHE D 49 -14.08 -29.00 -9.49
C PHE D 49 -14.53 -28.31 -8.22
N PRO D 50 -15.86 -28.15 -8.03
CA PRO D 50 -16.33 -27.38 -6.88
C PRO D 50 -15.91 -27.94 -5.52
N GLU D 51 -15.66 -29.24 -5.44
CA GLU D 51 -15.41 -29.87 -4.17
C GLU D 51 -14.03 -29.58 -3.63
N LEU D 52 -13.09 -29.34 -4.55
CA LEU D 52 -11.66 -29.33 -4.25
C LEU D 52 -11.26 -28.38 -3.14
N GLU D 53 -11.96 -27.27 -3.06
CA GLU D 53 -11.70 -26.23 -2.07
C GLU D 53 -11.84 -26.73 -0.61
N SER D 54 -12.87 -27.52 -0.34
CA SER D 54 -13.06 -28.09 1.01
C SER D 54 -12.13 -29.27 1.34
N LEU D 55 -11.59 -29.93 0.31
CA LEU D 55 -10.58 -30.96 0.53
C LEU D 55 -9.18 -30.40 0.73
N VAL D 56 -8.86 -29.28 0.08
CA VAL D 56 -7.56 -28.63 0.23
C VAL D 56 -7.77 -27.21 0.75
N PRO D 57 -7.87 -27.06 2.07
CA PRO D 57 -8.05 -25.73 2.70
C PRO D 57 -6.90 -24.72 2.53
N ASN D 58 -5.66 -25.19 2.71
CA ASN D 58 -4.46 -24.35 2.60
C ASN D 58 -4.30 -23.69 1.21
N ALA D 59 -4.14 -22.38 1.20
CA ALA D 59 -4.13 -21.57 -0.03
C ALA D 59 -3.04 -21.95 -1.03
N LEU D 60 -1.82 -22.16 -0.55
CA LEU D 60 -0.73 -22.51 -1.47
C LEU D 60 -0.89 -23.88 -2.05
N ASP D 61 -1.31 -24.85 -1.24
CA ASP D 61 -1.52 -26.20 -1.75
C ASP D 61 -2.61 -26.20 -2.81
N TYR D 62 -3.66 -25.43 -2.57
CA TYR D 62 -4.79 -25.38 -3.46
C TYR D 62 -4.37 -24.84 -4.81
N ILE D 63 -3.71 -23.70 -4.79
CA ILE D 63 -3.23 -23.03 -5.98
C ILE D 63 -2.28 -23.94 -6.75
N ARG D 64 -1.41 -24.63 -6.03
CA ARG D 64 -0.46 -25.53 -6.68
C ARG D 64 -1.22 -26.66 -7.33
N THR D 65 -2.29 -27.10 -6.66
CA THR D 65 -3.12 -28.22 -7.14
C THR D 65 -3.91 -27.87 -8.39
N VAL D 66 -4.54 -26.68 -8.45
CA VAL D 66 -5.30 -26.35 -9.65
C VAL D 66 -4.36 -26.12 -10.80
N LYS D 67 -3.21 -25.51 -10.52
CA LYS D 67 -2.14 -25.39 -11.52
C LYS D 67 -1.72 -26.76 -12.04
N GLU D 68 -1.59 -27.74 -11.15
CA GLU D 68 -1.15 -29.05 -11.59
C GLU D 68 -2.20 -29.77 -12.44
N LEU D 69 -3.46 -29.71 -11.99
CA LEU D 69 -4.58 -30.46 -12.61
C LEU D 69 -5.16 -29.85 -13.89
N GLY D 70 -5.45 -28.55 -13.86
CA GLY D 70 -6.12 -27.84 -14.96
C GLY D 70 -7.49 -28.45 -15.24
N ASN D 71 -7.76 -28.71 -16.53
CA ASN D 71 -9.02 -29.37 -16.91
C ASN D 71 -9.01 -30.85 -16.62
N SER D 72 -7.85 -31.46 -16.72
CA SER D 72 -7.73 -32.92 -16.71
C SER D 72 -7.63 -33.48 -15.30
N LEU D 73 -8.77 -33.91 -14.77
CA LEU D 73 -8.87 -34.41 -13.40
C LEU D 73 -8.41 -35.86 -13.23
N ASP D 74 -8.08 -36.51 -14.33
CA ASP D 74 -7.49 -37.86 -14.23
C ASP D 74 -5.96 -37.81 -14.28
N LYS D 75 -5.42 -36.63 -14.02
CA LYS D 75 -4.01 -36.49 -13.73
C LYS D 75 -3.76 -36.77 -12.24
N CYS D 76 -4.78 -37.30 -11.56
CA CYS D 76 -4.74 -37.54 -10.12
C CYS D 76 -4.02 -38.82 -9.73
N LYS D 77 -4.16 -39.86 -10.55
CA LYS D 77 -3.59 -41.16 -10.27
C LYS D 77 -2.10 -41.15 -10.61
N ASN D 78 -1.28 -41.61 -9.66
CA ASN D 78 0.16 -41.81 -9.88
C ASN D 78 0.91 -40.60 -10.46
N ASN D 79 0.63 -39.42 -9.91
CA ASN D 79 1.19 -38.18 -10.41
C ASN D 79 2.30 -37.69 -9.48
N GLU D 80 3.54 -37.86 -9.91
CA GLU D 80 4.67 -37.53 -9.04
C GLU D 80 4.70 -36.07 -8.60
N ASN D 81 4.28 -35.17 -9.48
CA ASN D 81 4.20 -33.75 -9.14
C ASN D 81 3.10 -33.46 -8.11
N LEU D 82 2.00 -34.22 -8.16
CA LEU D 82 0.92 -34.06 -7.18
C LEU D 82 1.38 -34.49 -5.79
N GLN D 83 2.20 -35.53 -5.74
CA GLN D 83 2.76 -36.06 -4.50
C GLN D 83 3.72 -35.10 -3.80
N GLN D 84 4.07 -34.01 -4.48
CA GLN D 84 4.93 -32.99 -3.91
C GLN D 84 4.10 -31.86 -3.33
N ILE D 85 2.78 -31.97 -3.50
CA ILE D 85 1.84 -30.95 -3.03
C ILE D 85 0.91 -31.52 -1.96
N LEU D 86 0.32 -32.68 -2.26
CA LEU D 86 -0.67 -33.25 -1.35
C LEU D 86 -0.27 -34.58 -0.71
N THR D 87 -0.78 -34.78 0.51
CA THR D 87 -0.68 -36.05 1.23
C THR D 87 -1.27 -37.17 0.38
N ASN D 88 -0.57 -38.29 0.34
CA ASN D 88 -1.02 -39.44 -0.43
C ASN D 88 -2.47 -39.84 -0.07
N ALA D 89 -2.81 -39.73 1.20
CA ALA D 89 -4.16 -39.95 1.69
C ALA D 89 -5.15 -38.92 1.15
N THR D 90 -4.77 -37.64 1.15
CA THR D 90 -5.69 -36.64 0.57
C THR D 90 -5.72 -36.67 -0.96
N ILE D 91 -4.64 -37.11 -1.61
CA ILE D 91 -4.70 -37.41 -3.04
C ILE D 91 -5.89 -38.35 -3.34
N MET D 92 -5.90 -39.54 -2.73
CA MET D 92 -6.93 -40.55 -3.08
C MET D 92 -8.36 -40.11 -2.73
N VAL D 93 -8.50 -39.29 -1.68
CA VAL D 93 -9.81 -38.72 -1.37
C VAL D 93 -10.27 -37.71 -2.46
N VAL D 94 -9.35 -36.91 -3.03
CA VAL D 94 -9.70 -36.04 -4.18
C VAL D 94 -9.84 -36.80 -5.49
N SER D 95 -9.06 -37.86 -5.67
CA SER D 95 -9.21 -38.72 -6.86
C SER D 95 -10.60 -39.34 -6.86
N VAL D 96 -11.06 -39.80 -5.69
CA VAL D 96 -12.42 -40.38 -5.56
C VAL D 96 -13.46 -39.33 -5.87
N THR D 97 -13.35 -38.20 -5.18
CA THR D 97 -14.26 -37.07 -5.37
C THR D 97 -14.24 -36.55 -6.80
N ALA D 98 -13.14 -36.74 -7.52
CA ALA D 98 -12.99 -36.26 -8.90
C ALA D 98 -13.99 -36.85 -9.91
N SER D 99 -14.25 -38.16 -9.84
CA SER D 99 -15.14 -38.81 -10.81
C SER D 99 -16.64 -38.51 -10.58
N THR D 100 -17.07 -38.59 -9.31
CA THR D 100 -18.40 -38.13 -8.88
C THR D 100 -18.31 -36.63 -8.65
N THR D 101 -18.48 -35.85 -9.71
CA THR D 101 -17.87 -34.53 -9.78
C THR D 101 -18.75 -33.29 -9.75
N GLN D 102 -19.75 -33.22 -10.64
CA GLN D 102 -20.61 -32.02 -10.80
C GLN D 102 -20.07 -31.02 -11.83
N GLY D 103 -19.01 -30.30 -11.47
CA GLY D 103 -18.37 -29.31 -12.36
C GLY D 103 -18.09 -29.79 -13.77
N GLN D 104 -17.83 -28.84 -14.66
CA GLN D 104 -17.57 -29.18 -16.06
C GLN D 104 -16.35 -28.45 -16.60
N GLN D 105 -15.95 -28.80 -17.81
CA GLN D 105 -14.74 -28.26 -18.44
C GLN D 105 -14.74 -26.74 -18.65
N LEU D 106 -13.55 -26.17 -18.69
CA LEU D 106 -13.42 -24.73 -18.87
C LEU D 106 -12.97 -24.47 -20.29
N SER D 107 -13.29 -23.28 -20.79
CA SER D 107 -12.76 -22.85 -22.08
C SER D 107 -11.27 -22.59 -21.97
N GLU D 108 -10.59 -22.58 -23.12
CA GLU D 108 -9.19 -22.21 -23.18
C GLU D 108 -8.97 -20.83 -22.59
N GLU D 109 -9.95 -19.94 -22.72
CA GLU D 109 -9.77 -18.64 -22.08
C GLU D 109 -9.98 -18.65 -20.57
N GLU D 110 -10.84 -19.53 -20.08
CA GLU D 110 -11.02 -19.70 -18.64
C GLU D 110 -9.78 -20.30 -17.98
N LEU D 111 -9.09 -21.17 -18.71
CA LEU D 111 -7.84 -21.76 -18.23
C LEU D 111 -6.71 -20.75 -18.16
N GLU D 112 -6.53 -19.98 -19.24
CA GLU D 112 -5.53 -18.91 -19.26
C GLU D 112 -5.66 -18.00 -18.05
N ARG D 113 -6.90 -17.61 -17.75
CA ARG D 113 -7.21 -16.78 -16.60
C ARG D 113 -6.65 -17.34 -15.28
N LEU D 114 -6.90 -18.64 -15.05
CA LEU D 114 -6.46 -19.31 -13.83
C LEU D 114 -4.95 -19.55 -13.78
N GLU D 115 -4.42 -20.00 -14.90
CA GLU D 115 -3.01 -20.29 -14.98
C GLU D 115 -2.17 -19.04 -14.71
N GLU D 116 -2.59 -17.91 -15.27
CA GLU D 116 -1.87 -16.66 -15.03
C GLU D 116 -1.96 -16.23 -13.57
N ALA D 117 -3.16 -16.37 -12.98
CA ALA D 117 -3.37 -16.07 -11.57
C ALA D 117 -2.54 -16.99 -10.67
N CYS D 118 -2.51 -18.29 -10.96
CA CYS D 118 -1.66 -19.21 -10.19
C CYS D 118 -0.17 -18.85 -10.31
N ASP D 119 0.29 -18.51 -11.52
CA ASP D 119 1.72 -18.19 -11.65
C ASP D 119 2.07 -16.91 -10.89
N MET D 120 1.16 -15.94 -10.91
CA MET D 120 1.38 -14.69 -10.23
C MET D 120 1.38 -14.90 -8.73
N ALA D 121 0.43 -15.68 -8.23
CA ALA D 121 0.40 -15.99 -6.80
C ALA D 121 1.71 -16.63 -6.31
N LEU D 122 2.20 -17.63 -7.05
CA LEU D 122 3.47 -18.30 -6.74
C LEU D 122 4.64 -17.34 -6.75
N GLU D 123 4.59 -16.41 -7.68
CA GLU D 123 5.64 -15.43 -7.84
C GLU D 123 5.59 -14.47 -6.63
N LEU D 124 4.37 -14.08 -6.24
CA LEU D 124 4.17 -13.18 -5.11
C LEU D 124 4.60 -13.81 -3.80
N ASN D 125 4.32 -15.09 -3.65
CA ASN D 125 4.73 -15.81 -2.49
C ASN D 125 6.24 -15.84 -2.36
N ALA D 126 6.96 -16.10 -3.43
CA ALA D 126 8.41 -16.08 -3.33
C ALA D 126 8.97 -14.68 -3.01
N SER D 127 8.33 -13.62 -3.52
CA SER D 127 8.80 -12.25 -3.28
C SER D 127 8.66 -11.84 -1.83
N LYS D 128 7.54 -12.20 -1.23
CA LYS D 128 7.28 -12.02 0.19
C LYS D 128 8.43 -12.62 1.00
N HIS D 129 8.84 -13.84 0.66
CA HIS D 129 9.94 -14.46 1.38
C HIS D 129 11.24 -13.72 1.19
N ARG D 130 11.51 -13.26 -0.02
N ARG D 130 11.51 -13.27 -0.02
CA ARG D 130 12.77 -12.58 -0.30
CA ARG D 130 12.74 -12.56 -0.30
C ARG D 130 12.83 -11.16 0.30
C ARG D 130 12.76 -11.27 0.52
N ILE D 131 11.68 -10.50 0.42
CA ILE D 131 11.59 -9.26 1.12
C ILE D 131 11.73 -9.48 2.66
N TYR D 132 11.02 -10.47 3.22
CA TYR D 132 11.19 -10.71 4.66
C TYR D 132 12.65 -11.03 5.03
N GLU D 133 13.36 -11.78 4.21
CA GLU D 133 14.74 -12.08 4.49
C GLU D 133 15.52 -10.80 4.71
N TYR D 134 15.29 -9.82 3.82
CA TYR D 134 15.91 -8.53 3.92
C TYR D 134 15.54 -7.87 5.26
N VAL D 135 14.25 -7.91 5.56
CA VAL D 135 13.75 -7.25 6.74
C VAL D 135 14.32 -7.90 7.99
N GLU D 136 14.42 -9.24 8.00
CA GLU D 136 14.98 -9.93 9.17
C GLU D 136 16.44 -9.60 9.27
N SER D 137 17.13 -9.57 8.14
CA SER D 137 18.55 -9.28 8.13
C SER D 137 18.82 -7.89 8.69
N ARG D 138 18.08 -6.88 8.24
CA ARG D 138 18.40 -5.49 8.65
C ARG D 138 17.88 -5.11 10.04
N MET D 139 16.76 -5.69 10.42
CA MET D 139 16.21 -5.48 11.75
C MET D 139 17.16 -6.00 12.83
N SER D 140 17.89 -7.04 12.48
CA SER D 140 18.77 -7.65 13.43
C SER D 140 20.05 -6.83 13.55
N PHE D 141 20.19 -5.80 12.72
CA PHE D 141 21.27 -4.85 12.91
C PHE D 141 20.75 -3.59 13.59
N ILE D 142 19.54 -3.17 13.22
CA ILE D 142 18.96 -1.96 13.74
C ILE D 142 18.49 -2.13 15.18
N ALA D 143 17.83 -3.26 15.48
CA ALA D 143 17.22 -3.49 16.80
C ALA D 143 17.15 -4.99 17.09
N PRO D 144 18.33 -5.60 17.27
CA PRO D 144 18.39 -7.06 17.38
C PRO D 144 17.64 -7.60 18.60
N ASN D 145 17.75 -6.93 19.75
CA ASN D 145 17.10 -7.46 20.94
C ASN D 145 15.58 -7.37 20.84
N LEU D 146 15.08 -6.26 20.30
CA LEU D 146 13.64 -6.12 20.06
C LEU D 146 13.18 -7.20 19.08
N SER D 147 13.94 -7.40 17.99
CA SER D 147 13.49 -8.32 16.94
C SER D 147 13.39 -9.74 17.41
N ILE D 148 14.29 -10.13 18.30
CA ILE D 148 14.27 -11.48 18.82
C ILE D 148 12.98 -11.79 19.57
N ILE D 149 12.37 -10.79 20.20
CA ILE D 149 11.21 -11.03 21.02
C ILE D 149 9.92 -11.07 20.20
N ILE D 150 9.69 -10.04 19.36
CA ILE D 150 8.45 -9.94 18.59
C ILE D 150 8.56 -10.22 17.09
N GLY D 151 9.72 -10.67 16.62
CA GLY D 151 9.95 -10.88 15.21
C GLY D 151 10.29 -9.55 14.55
N ALA D 152 10.94 -9.59 13.38
CA ALA D 152 11.32 -8.36 12.69
C ALA D 152 10.09 -7.55 12.21
N SER D 153 9.07 -8.25 11.72
CA SER D 153 7.88 -7.60 11.19
C SER D 153 7.21 -6.74 12.25
N THR D 154 6.83 -7.33 13.39
CA THR D 154 6.21 -6.50 14.45
C THR D 154 7.16 -5.39 14.95
N ALA D 155 8.45 -5.67 15.06
CA ALA D 155 9.40 -4.67 15.53
C ALA D 155 9.45 -3.49 14.61
N ALA D 156 9.36 -3.76 13.32
CA ALA D 156 9.44 -2.72 12.33
C ALA D 156 8.15 -1.92 12.34
N LYS D 157 7.03 -2.59 12.57
CA LYS D 157 5.75 -1.88 12.60
C LYS D 157 5.72 -0.85 13.73
N ILE D 158 6.15 -1.26 14.93
CA ILE D 158 6.09 -0.33 16.07
C ILE D 158 7.16 0.76 15.96
N MET D 159 8.31 0.42 15.40
CA MET D 159 9.37 1.40 15.20
C MET D 159 8.91 2.47 14.19
N GLY D 160 8.14 2.04 13.19
CA GLY D 160 7.56 2.98 12.24
C GLY D 160 6.64 3.99 12.90
N VAL D 161 5.66 3.49 13.66
CA VAL D 161 4.66 4.40 14.22
C VAL D 161 5.28 5.29 15.30
N ALA D 162 6.32 4.80 15.97
CA ALA D 162 7.04 5.59 16.96
C ALA D 162 8.01 6.59 16.33
N GLY D 163 8.38 6.41 15.08
CA GLY D 163 9.30 7.33 14.45
C GLY D 163 10.73 7.05 14.86
N GLY D 164 11.05 5.78 15.06
CA GLY D 164 12.43 5.37 15.21
C GLY D 164 12.70 4.84 16.59
N LEU D 165 13.93 4.37 16.78
CA LEU D 165 14.31 3.73 18.03
C LEU D 165 14.46 4.69 19.20
N THR D 166 15.04 5.86 19.00
CA THR D 166 15.20 6.78 20.12
C THR D 166 13.84 7.20 20.68
N ASN D 167 12.91 7.54 19.80
CA ASN D 167 11.54 7.87 20.20
C ASN D 167 10.82 6.70 20.90
N LEU D 168 10.96 5.52 20.34
CA LEU D 168 10.35 4.35 20.90
C LEU D 168 10.88 4.12 22.30
N SER D 169 12.19 4.15 22.43
CA SER D 169 12.86 3.92 23.72
C SER D 169 12.47 4.89 24.85
N LYS D 170 11.89 6.05 24.53
CA LYS D 170 11.49 6.96 25.61
C LYS D 170 9.99 6.97 25.86
N MET D 171 9.35 5.89 25.42
CA MET D 171 7.95 5.70 25.69
C MET D 171 7.83 4.73 26.85
N PRO D 172 6.79 4.87 27.67
CA PRO D 172 6.56 3.86 28.68
C PRO D 172 5.98 2.59 28.05
N ALA D 173 6.27 1.45 28.69
CA ALA D 173 5.75 0.16 28.20
C ALA D 173 4.23 0.19 27.91
N CYS D 174 3.46 0.85 28.75
CA CYS D 174 2.01 0.91 28.57
C CYS D 174 1.54 1.65 27.30
N ASN D 175 2.39 2.46 26.69
CA ASN D 175 1.99 3.10 25.43
C ASN D 175 2.52 2.33 24.27
N ILE D 176 3.71 1.74 24.43
CA ILE D 176 4.23 0.82 23.42
C ILE D 176 3.25 -0.31 23.18
N MET D 177 2.63 -0.80 24.26
CA MET D 177 1.59 -1.81 24.14
C MET D 177 0.47 -1.39 23.19
N LEU D 178 0.16 -0.09 23.15
CA LEU D 178 -0.98 0.38 22.35
C LEU D 178 -0.62 0.97 20.99
N LEU D 179 0.66 0.88 20.62
CA LEU D 179 1.11 1.31 19.27
C LEU D 179 0.45 0.52 18.17
N GLY D 180 -0.11 1.28 17.23
CA GLY D 180 -0.86 0.70 16.11
C GLY D 180 -2.31 0.39 16.43
N ALA D 181 -2.77 0.75 17.62
CA ALA D 181 -4.20 0.54 17.95
C ALA D 181 -5.11 1.35 17.03
N GLN D 182 -6.30 0.80 16.73
CA GLN D 182 -7.22 1.30 15.68
C GLN D 182 -7.83 2.69 15.94
N SER D 193 -16.05 -2.81 14.08
CA SER D 193 -15.40 -2.32 15.29
C SER D 193 -14.81 -3.48 16.14
N VAL D 194 -13.52 -3.77 15.91
CA VAL D 194 -12.75 -4.87 16.54
C VAL D 194 -12.53 -4.78 18.06
N LEU D 195 -11.30 -5.07 18.51
CA LEU D 195 -11.01 -5.27 19.94
C LEU D 195 -10.30 -4.11 20.63
N PRO D 196 -10.93 -3.57 21.69
CA PRO D 196 -10.39 -2.39 22.37
C PRO D 196 -9.02 -2.65 23.00
N HIS D 197 -8.18 -1.60 22.99
CA HIS D 197 -6.89 -1.60 23.67
C HIS D 197 -5.94 -2.70 23.20
N THR D 198 -5.82 -2.87 21.88
CA THR D 198 -4.92 -3.88 21.32
C THR D 198 -4.06 -3.28 20.21
N GLY D 199 -2.74 -3.41 20.34
CA GLY D 199 -1.84 -2.84 19.34
C GLY D 199 -1.17 -3.90 18.50
N TYR D 200 -0.14 -3.47 17.77
CA TYR D 200 0.69 -4.38 16.98
C TYR D 200 1.16 -5.55 17.84
N ILE D 201 1.59 -5.24 19.07
CA ILE D 201 2.08 -6.27 19.98
C ILE D 201 1.03 -7.36 20.23
N TYR D 202 -0.21 -6.95 20.48
CA TYR D 202 -1.29 -7.91 20.74
C TYR D 202 -1.46 -8.86 19.57
N HIS D 203 -1.26 -8.33 18.36
CA HIS D 203 -1.49 -9.08 17.16
C HIS D 203 -0.24 -9.74 16.61
N SER D 204 0.84 -9.72 17.38
CA SER D 204 2.08 -10.40 16.97
C SER D 204 1.92 -11.91 17.03
N ASP D 205 2.70 -12.60 16.21
CA ASP D 205 2.67 -14.06 16.20
C ASP D 205 2.77 -14.61 17.62
N ILE D 206 3.73 -14.14 18.41
CA ILE D 206 3.99 -14.71 19.75
C ILE D 206 2.80 -14.62 20.73
N VAL D 207 2.07 -13.51 20.71
CA VAL D 207 0.92 -13.31 21.58
C VAL D 207 -0.25 -14.15 21.07
N GLN D 208 -0.41 -14.15 19.76
CA GLN D 208 -1.55 -14.77 19.11
C GLN D 208 -1.42 -16.30 19.20
N SER D 209 -0.20 -16.76 19.50
CA SER D 209 0.09 -18.19 19.64
C SER D 209 -0.56 -18.78 20.88
N LEU D 210 -1.08 -17.91 21.74
CA LEU D 210 -1.69 -18.29 23.00
C LEU D 210 -3.21 -18.43 22.88
N PRO D 211 -3.83 -19.19 23.79
CA PRO D 211 -5.29 -19.16 23.94
C PRO D 211 -5.81 -17.72 24.09
N PRO D 212 -6.94 -17.39 23.45
CA PRO D 212 -7.58 -16.08 23.62
C PRO D 212 -7.52 -15.47 25.03
N ASP D 213 -7.87 -16.24 26.06
CA ASP D 213 -7.96 -15.70 27.42
C ASP D 213 -6.62 -15.33 28.06
N LEU D 214 -5.51 -15.69 27.41
CA LEU D 214 -4.21 -15.36 27.94
C LEU D 214 -3.52 -14.24 27.15
N ARG D 215 -4.19 -13.74 26.13
CA ARG D 215 -3.61 -12.75 25.24
C ARG D 215 -3.39 -11.34 25.83
N ARG D 216 -4.38 -10.77 26.51
CA ARG D 216 -4.21 -9.40 27.01
C ARG D 216 -3.05 -9.39 27.98
N LYS D 217 -2.99 -10.44 28.80
CA LYS D 217 -1.92 -10.58 29.78
C LYS D 217 -0.57 -10.82 29.10
N ALA D 218 -0.60 -11.51 27.96
CA ALA D 218 0.63 -11.81 27.24
C ALA D 218 1.16 -10.57 26.57
N ALA D 219 0.25 -9.73 26.08
CA ALA D 219 0.64 -8.46 25.45
C ALA D 219 1.30 -7.53 26.46
N ARG D 220 0.85 -7.59 27.69
CA ARG D 220 1.37 -6.77 28.75
C ARG D 220 2.80 -7.17 28.99
N LEU D 221 3.01 -8.47 29.15
CA LEU D 221 4.31 -9.02 29.43
C LEU D 221 5.24 -8.75 28.25
N VAL D 222 4.74 -9.00 27.03
CA VAL D 222 5.60 -8.84 25.88
C VAL D 222 5.88 -7.36 25.67
N ALA D 223 4.88 -6.52 25.92
CA ALA D 223 5.11 -5.07 25.81
C ALA D 223 6.21 -4.61 26.78
N ALA D 224 6.12 -5.06 28.03
CA ALA D 224 7.06 -4.65 29.04
C ALA D 224 8.50 -5.02 28.65
N LYS D 225 8.70 -6.23 28.15
CA LYS D 225 10.05 -6.68 27.84
C LYS D 225 10.53 -6.05 26.54
N CYS D 226 9.60 -5.74 25.63
CA CYS D 226 9.96 -5.06 24.40
C CYS D 226 10.55 -3.69 24.70
N THR D 227 9.92 -2.97 25.62
CA THR D 227 10.39 -1.70 26.08
C THR D 227 11.81 -1.85 26.58
N LEU D 228 12.04 -2.81 27.48
CA LEU D 228 13.40 -3.00 27.97
C LEU D 228 14.38 -3.25 26.82
N ALA D 229 14.04 -4.15 25.91
CA ALA D 229 14.90 -4.47 24.75
C ALA D 229 15.15 -3.25 23.86
N ALA D 230 14.11 -2.43 23.66
CA ALA D 230 14.19 -1.29 22.81
C ALA D 230 15.24 -0.36 23.34
N ARG D 231 15.21 -0.13 24.65
CA ARG D 231 16.16 0.77 25.27
C ARG D 231 17.59 0.29 25.08
N VAL D 232 17.78 -1.03 25.22
CA VAL D 232 19.12 -1.59 25.04
C VAL D 232 19.57 -1.37 23.60
N ASP D 233 18.68 -1.58 22.64
CA ASP D 233 18.97 -1.35 21.23
C ASP D 233 19.21 0.12 20.94
N SER D 234 18.50 1.01 21.62
CA SER D 234 18.68 2.43 21.35
C SER D 234 20.08 2.90 21.68
N PHE D 235 20.76 2.16 22.54
CA PHE D 235 22.11 2.50 22.93
C PHE D 235 23.15 1.62 22.23
N HIS D 236 22.65 0.77 21.32
CA HIS D 236 23.48 -0.13 20.51
C HIS D 236 24.38 -1.06 21.32
N GLU D 237 23.79 -1.58 22.40
CA GLU D 237 24.43 -2.54 23.29
C GLU D 237 23.83 -3.93 23.08
N SER D 238 24.50 -4.94 23.61
CA SER D 238 24.08 -6.34 23.49
C SER D 238 23.73 -6.63 22.03
N THR D 239 24.68 -6.40 21.13
CA THR D 239 24.43 -6.45 19.69
C THR D 239 24.35 -7.87 19.14
N GLU D 240 24.77 -8.84 19.95
CA GLU D 240 24.63 -10.24 19.56
C GLU D 240 23.34 -10.81 20.13
N GLY D 241 22.50 -9.95 20.69
CA GLY D 241 21.20 -10.36 21.15
C GLY D 241 21.13 -11.01 22.51
N LYS D 242 22.18 -10.94 23.32
CA LYS D 242 22.15 -11.59 24.63
C LYS D 242 20.88 -11.23 25.42
N VAL D 243 20.60 -9.93 25.56
CA VAL D 243 19.43 -9.44 26.28
C VAL D 243 18.08 -9.96 25.70
N GLY D 244 17.93 -9.90 24.38
CA GLY D 244 16.71 -10.36 23.71
C GLY D 244 16.40 -11.84 23.91
N TYR D 245 17.43 -12.68 23.80
CA TYR D 245 17.27 -14.12 24.01
C TYR D 245 16.95 -14.42 25.48
N GLU D 246 17.51 -13.62 26.39
CA GLU D 246 17.21 -13.77 27.81
C GLU D 246 15.75 -13.39 28.12
N LEU D 247 15.29 -12.28 27.56
CA LEU D 247 13.91 -11.88 27.75
C LEU D 247 12.96 -12.86 27.08
N LYS D 248 13.36 -13.38 25.91
CA LYS D 248 12.56 -14.37 25.19
C LYS D 248 12.40 -15.63 26.03
N ASP D 249 13.49 -16.08 26.65
CA ASP D 249 13.45 -17.23 27.52
C ASP D 249 12.57 -16.97 28.74
N GLU D 250 12.63 -15.74 29.25
CA GLU D 250 11.85 -15.40 30.42
C GLU D 250 10.37 -15.42 30.04
N ILE D 251 10.04 -14.92 28.87
CA ILE D 251 8.65 -14.88 28.46
C ILE D 251 8.11 -16.29 28.28
N GLU D 252 8.86 -17.11 27.55
CA GLU D 252 8.48 -18.51 27.28
C GLU D 252 8.19 -19.29 28.56
N ARG D 253 9.02 -19.09 29.57
CA ARG D 253 8.83 -19.77 30.85
C ARG D 253 7.59 -19.25 31.60
N LYS D 254 7.20 -17.98 31.39
CA LYS D 254 5.96 -17.50 31.98
C LYS D 254 4.73 -18.06 31.25
N PHE D 255 4.78 -18.09 29.91
CA PHE D 255 3.73 -18.72 29.11
C PHE D 255 3.51 -20.19 29.50
N ASP D 256 4.61 -20.94 29.68
CA ASP D 256 4.48 -22.33 30.10
C ASP D 256 3.78 -22.44 31.43
N LYS D 257 4.10 -21.52 32.33
CA LYS D 257 3.60 -21.55 33.71
C LYS D 257 2.14 -21.14 33.77
N TRP D 258 1.67 -20.35 32.81
CA TRP D 258 0.26 -19.95 32.75
C TRP D 258 -0.61 -21.09 32.23
N GLN D 259 -0.04 -21.94 31.38
CA GLN D 259 -0.77 -23.00 30.69
C GLN D 259 -0.70 -24.40 31.36
N GLU D 260 -1.43 -25.34 30.77
CA GLU D 260 -1.35 -26.79 31.07
C GLU D 260 -1.80 -27.59 29.85
N ALA E 6 -31.60 -0.50 -47.24
CA ALA E 6 -31.15 -1.72 -46.49
C ALA E 6 -29.83 -1.46 -45.71
N ASP E 7 -29.11 -2.55 -45.41
CA ASP E 7 -27.81 -2.50 -44.68
C ASP E 7 -27.80 -1.63 -43.43
N VAL E 8 -28.39 -2.13 -42.36
CA VAL E 8 -28.34 -1.46 -41.08
C VAL E 8 -27.92 -2.50 -40.05
N ASN E 9 -26.95 -2.16 -39.22
CA ASN E 9 -26.55 -3.00 -38.10
C ASN E 9 -27.80 -3.49 -37.38
N PRO E 10 -27.96 -4.81 -37.26
CA PRO E 10 -29.16 -5.35 -36.60
C PRO E 10 -29.23 -5.04 -35.10
N LYS E 11 -28.13 -4.60 -34.52
CA LYS E 11 -28.11 -4.16 -33.13
C LYS E 11 -28.80 -2.79 -32.96
N ALA E 12 -29.08 -2.11 -34.07
CA ALA E 12 -29.72 -0.81 -34.07
C ALA E 12 -31.25 -0.92 -34.25
N TYR E 13 -31.89 -1.40 -33.21
CA TYR E 13 -33.33 -1.49 -33.23
C TYR E 13 -33.85 -1.14 -31.84
N PRO E 14 -35.11 -0.68 -31.78
CA PRO E 14 -35.97 -0.52 -32.96
C PRO E 14 -35.57 0.63 -33.88
N LEU E 15 -35.70 0.38 -35.17
CA LEU E 15 -35.45 1.37 -36.19
C LEU E 15 -36.76 1.98 -36.70
N ALA E 16 -36.85 3.30 -36.61
CA ALA E 16 -38.00 4.07 -37.10
C ALA E 16 -38.14 4.01 -38.64
N ASP E 17 -39.36 3.82 -39.14
CA ASP E 17 -39.59 3.92 -40.58
C ASP E 17 -39.58 5.38 -41.05
N ALA E 18 -39.69 5.59 -42.36
CA ALA E 18 -39.72 6.92 -42.96
C ALA E 18 -40.65 7.90 -42.23
N HIS E 19 -41.84 7.41 -41.88
CA HIS E 19 -42.88 8.23 -41.25
C HIS E 19 -42.48 8.65 -39.83
N LEU E 20 -42.14 7.69 -39.00
CA LEU E 20 -41.82 8.00 -37.61
C LEU E 20 -40.55 8.84 -37.49
N THR E 21 -39.59 8.60 -38.40
CA THR E 21 -38.37 9.41 -38.46
C THR E 21 -38.74 10.89 -38.66
N LYS E 22 -39.65 11.15 -39.60
CA LYS E 22 -40.12 12.52 -39.85
C LYS E 22 -40.70 13.17 -38.58
N LYS E 23 -41.57 12.46 -37.85
CA LYS E 23 -42.06 12.93 -36.55
C LYS E 23 -40.91 13.18 -35.55
N LEU E 24 -40.06 12.18 -35.37
CA LEU E 24 -38.95 12.25 -34.42
C LEU E 24 -38.08 13.50 -34.64
N LEU E 25 -37.60 13.69 -35.86
CA LEU E 25 -36.70 14.78 -36.15
C LEU E 25 -37.36 16.16 -35.95
N ASP E 26 -38.63 16.28 -36.33
CA ASP E 26 -39.36 17.54 -36.12
C ASP E 26 -39.51 17.91 -34.65
N LEU E 27 -39.86 16.91 -33.83
CA LEU E 27 -39.97 17.10 -32.39
C LEU E 27 -38.62 17.50 -31.80
N VAL E 28 -37.56 16.77 -32.17
CA VAL E 28 -36.20 17.12 -31.76
C VAL E 28 -35.90 18.60 -32.02
N GLN E 29 -36.22 19.07 -33.23
CA GLN E 29 -36.03 20.47 -33.60
C GLN E 29 -36.85 21.39 -32.69
N GLN E 30 -38.08 21.00 -32.42
CA GLN E 30 -38.94 21.81 -31.55
C GLN E 30 -38.41 21.82 -30.13
N SER E 31 -37.97 20.65 -29.67
CA SER E 31 -37.34 20.47 -28.36
C SER E 31 -36.14 21.37 -28.22
N CYS E 32 -35.40 21.51 -29.31
CA CYS E 32 -34.28 22.43 -29.39
C CYS E 32 -34.71 23.89 -29.18
N ASN E 33 -35.87 24.27 -29.73
CA ASN E 33 -36.38 25.63 -29.59
C ASN E 33 -36.94 25.94 -28.20
N TYR E 34 -37.52 24.94 -27.55
CA TYR E 34 -38.06 25.12 -26.22
C TYR E 34 -37.00 24.88 -25.15
N LYS E 35 -35.74 24.82 -25.61
CA LYS E 35 -34.56 24.66 -24.77
C LYS E 35 -34.77 23.44 -23.88
N GLN E 36 -35.03 22.31 -24.55
CA GLN E 36 -35.53 21.09 -23.92
C GLN E 36 -34.82 19.87 -24.51
N LEU E 37 -33.64 20.10 -25.07
CA LEU E 37 -32.87 19.08 -25.80
C LEU E 37 -31.41 19.05 -25.39
N ARG E 38 -30.88 17.86 -25.20
CA ARG E 38 -29.45 17.75 -24.95
C ARG E 38 -28.77 16.92 -26.06
N LYS E 39 -27.68 17.45 -26.62
CA LYS E 39 -27.09 16.87 -27.84
C LYS E 39 -25.74 16.24 -27.61
N GLY E 40 -25.63 14.96 -27.98
CA GLY E 40 -24.39 14.20 -27.85
C GLY E 40 -24.61 13.03 -26.91
N ALA E 41 -23.95 11.91 -27.19
CA ALA E 41 -24.06 10.74 -26.36
C ALA E 41 -23.66 10.99 -24.92
N ASN E 42 -22.58 11.75 -24.71
CA ASN E 42 -22.17 12.15 -23.35
C ASN E 42 -23.24 12.90 -22.57
N GLU E 43 -23.93 13.82 -23.23
CA GLU E 43 -24.97 14.60 -22.51
C GLU E 43 -26.20 13.75 -22.30
N ALA E 44 -26.55 12.96 -23.32
CA ALA E 44 -27.62 11.98 -23.21
C ALA E 44 -27.42 11.11 -21.97
N THR E 45 -26.19 10.62 -21.80
CA THR E 45 -25.84 9.75 -20.68
C THR E 45 -26.15 10.43 -19.37
N LYS E 46 -25.75 11.68 -19.26
CA LYS E 46 -26.04 12.46 -18.06
C LYS E 46 -27.54 12.57 -17.79
N THR E 47 -28.35 12.71 -18.84
CA THR E 47 -29.78 12.96 -18.63
C THR E 47 -30.48 11.66 -18.20
N LEU E 48 -29.96 10.53 -18.65
CA LEU E 48 -30.44 9.25 -18.17
C LEU E 48 -30.03 8.97 -16.75
N ASN E 49 -28.76 9.25 -16.42
CA ASN E 49 -28.26 9.12 -15.03
C ASN E 49 -29.02 9.98 -14.03
N ARG E 50 -29.44 11.17 -14.45
CA ARG E 50 -30.14 12.10 -13.58
C ARG E 50 -31.66 11.90 -13.56
N GLY E 51 -32.15 10.99 -14.39
CA GLY E 51 -33.58 10.66 -14.48
C GLY E 51 -34.46 11.78 -14.99
N ILE E 52 -33.92 12.59 -15.91
CA ILE E 52 -34.67 13.73 -16.42
C ILE E 52 -34.91 13.65 -17.93
N SER E 53 -34.91 12.42 -18.46
CA SER E 53 -35.03 12.24 -19.90
C SER E 53 -36.42 11.72 -20.30
N GLU E 54 -37.06 12.46 -21.20
CA GLU E 54 -38.33 12.04 -21.78
C GLU E 54 -38.14 10.80 -22.68
N PHE E 55 -37.25 10.91 -23.67
CA PHE E 55 -36.90 9.77 -24.54
C PHE E 55 -35.54 10.04 -25.19
N ILE E 56 -34.95 9.02 -25.80
CA ILE E 56 -33.64 9.11 -26.40
C ILE E 56 -33.72 8.73 -27.85
N VAL E 57 -33.04 9.48 -28.70
CA VAL E 57 -32.90 9.12 -30.12
C VAL E 57 -31.43 8.92 -30.49
N MET E 58 -31.13 7.81 -31.14
CA MET E 58 -29.77 7.45 -31.52
C MET E 58 -29.66 7.27 -33.02
N ALA E 59 -28.45 7.31 -33.56
CA ALA E 59 -28.27 7.18 -35.00
C ALA E 59 -27.66 5.84 -35.32
N ALA E 60 -28.36 5.07 -36.15
CA ALA E 60 -27.89 3.74 -36.57
C ALA E 60 -26.53 3.68 -37.28
N ASP E 61 -26.09 4.77 -37.92
CA ASP E 61 -24.79 4.77 -38.58
C ASP E 61 -23.63 5.27 -37.70
N ALA E 62 -23.83 5.38 -36.39
CA ALA E 62 -22.69 5.64 -35.52
C ALA E 62 -21.61 4.53 -35.66
N GLU E 63 -20.36 4.93 -35.82
CA GLU E 63 -19.32 3.94 -36.06
C GLU E 63 -18.16 4.07 -35.09
N PRO E 64 -17.90 3.02 -34.30
CA PRO E 64 -18.69 1.78 -34.29
C PRO E 64 -19.95 1.93 -33.40
N LEU E 65 -20.95 1.07 -33.65
CA LEU E 65 -22.26 1.21 -33.00
C LEU E 65 -22.16 1.21 -31.48
N GLU E 66 -21.28 0.40 -30.91
CA GLU E 66 -21.28 0.29 -29.45
C GLU E 66 -20.98 1.58 -28.68
N ILE E 67 -20.51 2.63 -29.36
CA ILE E 67 -20.30 3.90 -28.67
C ILE E 67 -21.61 4.51 -28.19
N ILE E 68 -22.75 3.95 -28.63
CA ILE E 68 -24.01 4.44 -28.09
C ILE E 68 -24.86 3.35 -27.47
N LEU E 69 -24.39 2.10 -27.51
CA LEU E 69 -25.23 1.01 -27.04
C LEU E 69 -25.22 0.91 -25.53
N HIS E 70 -24.46 1.74 -24.84
CA HIS E 70 -24.67 1.84 -23.39
C HIS E 70 -26.01 2.54 -23.09
N LEU E 71 -26.48 3.38 -24.02
CA LEU E 71 -27.71 4.12 -23.75
C LEU E 71 -28.95 3.23 -23.53
N PRO E 72 -29.22 2.24 -24.41
CA PRO E 72 -30.38 1.36 -24.14
C PRO E 72 -30.31 0.68 -22.76
N LEU E 73 -29.11 0.35 -22.32
CA LEU E 73 -28.92 -0.23 -21.00
C LEU E 73 -29.43 0.74 -19.94
N LEU E 74 -29.03 2.00 -20.05
CA LEU E 74 -29.45 3.01 -19.09
C LEU E 74 -30.93 3.32 -19.20
N CYS E 75 -31.51 3.07 -20.36
CA CYS E 75 -32.93 3.27 -20.54
C CYS E 75 -33.78 2.23 -19.80
N GLU E 76 -33.24 1.01 -19.65
CA GLU E 76 -33.93 -0.08 -18.97
C GLU E 76 -34.19 0.24 -17.49
N ASP E 77 -33.13 0.54 -16.72
CA ASP E 77 -33.32 0.80 -15.26
C ASP E 77 -34.25 1.98 -15.05
N LYS E 78 -34.18 2.92 -15.98
CA LYS E 78 -34.94 4.16 -15.90
C LYS E 78 -36.36 4.07 -16.51
N ASN E 79 -36.65 2.93 -17.16
CA ASN E 79 -37.73 2.76 -18.14
C ASN E 79 -38.01 3.97 -19.03
N VAL E 80 -37.00 4.34 -19.79
CA VAL E 80 -37.05 5.45 -20.73
C VAL E 80 -37.00 4.89 -22.16
N PRO E 81 -37.98 5.25 -23.01
CA PRO E 81 -38.04 4.71 -24.37
C PRO E 81 -36.96 5.28 -25.29
N TYR E 82 -36.44 4.45 -26.19
CA TYR E 82 -35.39 4.87 -27.12
C TYR E 82 -35.67 4.31 -28.53
N VAL E 83 -35.19 4.99 -29.57
CA VAL E 83 -35.33 4.57 -30.96
C VAL E 83 -34.09 4.88 -31.75
N PHE E 84 -33.91 4.19 -32.86
CA PHE E 84 -32.88 4.57 -33.82
C PHE E 84 -33.50 5.24 -35.04
N VAL E 85 -32.78 6.22 -35.55
CA VAL E 85 -33.00 6.76 -36.89
C VAL E 85 -31.75 6.38 -37.69
N ARG E 86 -31.80 6.54 -39.00
CA ARG E 86 -30.73 6.00 -39.83
C ARG E 86 -29.48 6.86 -39.87
N SER E 87 -29.64 8.17 -39.68
CA SER E 87 -28.66 9.14 -40.13
C SER E 87 -28.27 10.16 -39.07
N LYS E 88 -27.04 10.00 -38.57
CA LYS E 88 -26.44 10.94 -37.62
C LYS E 88 -26.40 12.35 -38.18
N GLN E 89 -26.17 12.46 -39.48
CA GLN E 89 -26.16 13.76 -40.15
C GLN E 89 -27.53 14.44 -40.07
N ALA E 90 -28.59 13.67 -40.29
CA ALA E 90 -29.95 14.22 -40.30
C ALA E 90 -30.41 14.53 -38.89
N LEU E 91 -29.94 13.74 -37.93
CA LEU E 91 -30.24 13.99 -36.55
C LEU E 91 -29.52 15.28 -36.09
N GLY E 92 -28.31 15.47 -36.63
CA GLY E 92 -27.52 16.68 -36.41
C GLY E 92 -28.23 17.96 -36.84
N ARG E 93 -28.71 17.97 -38.08
CA ARG E 93 -29.53 19.08 -38.57
C ARG E 93 -30.72 19.36 -37.63
N ALA E 94 -31.34 18.30 -37.12
CA ALA E 94 -32.51 18.42 -36.28
C ALA E 94 -32.20 19.04 -34.91
N CYS E 95 -31.08 18.63 -34.32
CA CYS E 95 -30.55 19.25 -33.10
C CYS E 95 -30.05 20.68 -33.35
N GLY E 96 -30.13 21.14 -34.59
CA GLY E 96 -29.80 22.53 -34.90
C GLY E 96 -28.34 22.78 -34.65
N VAL E 97 -27.54 21.75 -34.93
CA VAL E 97 -26.11 21.78 -34.72
C VAL E 97 -25.43 21.55 -36.08
N SER E 98 -24.21 22.02 -36.26
CA SER E 98 -23.57 21.87 -37.56
C SER E 98 -22.66 20.66 -37.72
N ARG E 99 -22.87 19.63 -36.90
CA ARG E 99 -22.11 18.40 -37.01
C ARG E 99 -23.08 17.24 -36.80
N PRO E 100 -22.69 16.04 -37.25
CA PRO E 100 -23.55 14.89 -36.93
C PRO E 100 -23.78 14.77 -35.43
N VAL E 101 -24.88 14.13 -35.04
CA VAL E 101 -25.17 13.81 -33.66
C VAL E 101 -25.56 12.33 -33.69
N ILE E 102 -24.95 11.54 -32.81
CA ILE E 102 -25.21 10.10 -32.80
C ILE E 102 -26.29 9.79 -31.80
N ALA E 103 -26.57 10.74 -30.90
CA ALA E 103 -27.54 10.52 -29.84
C ALA E 103 -27.91 11.83 -29.21
N CYS E 104 -29.19 11.99 -28.91
CA CYS E 104 -29.66 13.14 -28.14
C CYS E 104 -30.80 12.71 -27.22
N SER E 105 -31.13 13.59 -26.28
CA SER E 105 -32.11 13.30 -25.26
C SER E 105 -33.06 14.46 -25.18
N VAL E 106 -34.35 14.19 -25.33
CA VAL E 106 -35.37 15.21 -25.07
C VAL E 106 -35.67 15.19 -23.59
N THR E 107 -35.66 16.38 -22.99
CA THR E 107 -35.59 16.49 -21.55
C THR E 107 -36.92 16.87 -20.90
N ILE E 108 -37.12 16.45 -19.64
CA ILE E 108 -38.36 16.79 -18.92
C ILE E 108 -38.34 18.26 -18.47
N LYS E 109 -39.34 19.01 -18.93
CA LYS E 109 -39.52 20.41 -18.51
C LYS E 109 -40.92 20.61 -17.93
N GLU E 110 -40.97 21.04 -16.68
CA GLU E 110 -42.25 21.35 -16.08
C GLU E 110 -42.89 22.44 -16.92
N GLY E 111 -44.16 22.25 -17.24
CA GLY E 111 -44.97 23.25 -17.95
C GLY E 111 -44.79 23.30 -19.45
N SER E 112 -44.04 22.34 -19.99
CA SER E 112 -43.76 22.30 -21.42
C SER E 112 -45.03 22.19 -22.26
N GLN E 113 -45.13 23.06 -23.26
CA GLN E 113 -46.17 23.00 -24.27
C GLN E 113 -45.98 21.81 -25.21
N LEU E 114 -44.83 21.18 -25.10
CA LEU E 114 -44.50 20.04 -25.93
C LEU E 114 -44.98 18.70 -25.33
N LYS E 115 -45.62 18.76 -24.16
CA LYS E 115 -46.11 17.55 -23.45
C LYS E 115 -46.90 16.60 -24.36
N GLN E 116 -47.93 17.13 -25.03
CA GLN E 116 -48.78 16.31 -25.88
C GLN E 116 -47.96 15.56 -26.93
N GLN E 117 -47.15 16.30 -27.68
CA GLN E 117 -46.33 15.71 -28.74
C GLN E 117 -45.28 14.75 -28.18
N ILE E 118 -44.68 15.10 -27.05
CA ILE E 118 -43.76 14.21 -26.35
C ILE E 118 -44.41 12.88 -25.97
N GLN E 119 -45.56 12.91 -25.30
CA GLN E 119 -46.26 11.71 -24.86
C GLN E 119 -46.76 10.85 -26.03
N SER E 120 -47.06 11.50 -27.14
CA SER E 120 -47.51 10.86 -28.38
C SER E 120 -46.39 10.05 -29.03
N ILE E 121 -45.22 10.66 -29.14
CA ILE E 121 -44.00 10.03 -29.63
C ILE E 121 -43.49 8.94 -28.67
N GLN E 122 -43.60 9.22 -27.37
CA GLN E 122 -43.34 8.23 -26.33
C GLN E 122 -44.13 6.95 -26.58
N GLN E 123 -45.42 7.09 -26.89
CA GLN E 123 -46.23 5.93 -27.15
C GLN E 123 -45.92 5.27 -28.49
N SER E 124 -45.52 6.07 -29.46
CA SER E 124 -45.13 5.52 -30.76
C SER E 124 -43.95 4.58 -30.61
N ILE E 125 -42.98 5.01 -29.80
CA ILE E 125 -41.76 4.26 -29.55
C ILE E 125 -41.98 2.92 -28.87
N GLU E 126 -42.80 2.89 -27.82
CA GLU E 126 -43.06 1.64 -27.10
C GLU E 126 -43.76 0.62 -28.00
N ARG E 127 -44.66 1.10 -28.86
CA ARG E 127 -45.42 0.24 -29.80
C ARG E 127 -44.51 -0.59 -30.68
N LEU E 128 -43.33 -0.05 -30.99
CA LEU E 128 -42.36 -0.71 -31.85
C LEU E 128 -41.83 -2.01 -31.24
N LEU E 129 -41.58 -2.00 -29.93
CA LEU E 129 -41.25 -3.23 -29.21
C LEU E 129 -42.49 -4.09 -28.94
N VAL E 130 -43.65 -3.61 -29.38
CA VAL E 130 -44.86 -4.43 -29.55
C VAL E 130 -45.95 -4.21 -28.50
N GLU F 12 -21.65 -10.35 -10.05
CA GLU F 12 -20.63 -11.44 -10.02
C GLU F 12 -19.68 -11.31 -8.82
N ALA F 13 -19.57 -12.38 -8.05
CA ALA F 13 -18.63 -12.42 -6.92
C ALA F 13 -17.19 -12.52 -7.44
N ALA F 14 -16.26 -11.95 -6.68
CA ALA F 14 -14.82 -11.96 -7.03
C ALA F 14 -14.50 -11.74 -8.54
N PRO F 15 -14.78 -10.52 -9.07
CA PRO F 15 -14.49 -10.30 -10.50
C PRO F 15 -12.99 -10.10 -10.77
N GLU F 16 -12.52 -10.43 -11.97
CA GLU F 16 -11.09 -10.33 -12.25
C GLU F 16 -10.51 -8.91 -12.18
N TYR F 17 -11.23 -7.91 -12.68
CA TYR F 17 -10.69 -6.56 -12.67
C TYR F 17 -10.17 -6.17 -11.28
N ARG F 18 -10.88 -6.57 -10.23
CA ARG F 18 -10.43 -6.27 -8.86
C ARG F 18 -9.02 -6.73 -8.60
N VAL F 19 -8.77 -8.01 -8.83
CA VAL F 19 -7.46 -8.62 -8.69
C VAL F 19 -6.37 -7.81 -9.39
N ILE F 20 -6.69 -7.32 -10.60
CA ILE F 20 -5.74 -6.60 -11.44
C ILE F 20 -5.53 -5.17 -10.95
N VAL F 21 -6.60 -4.54 -10.50
CA VAL F 21 -6.46 -3.22 -9.88
C VAL F 21 -5.47 -3.35 -8.73
N ASP F 22 -5.70 -4.34 -7.88
CA ASP F 22 -4.87 -4.46 -6.68
C ASP F 22 -3.44 -4.84 -7.03
N ALA F 23 -3.26 -5.62 -8.09
CA ALA F 23 -1.93 -6.03 -8.51
C ALA F 23 -1.15 -4.83 -9.03
N ASN F 24 -1.83 -3.94 -9.71
CA ASN F 24 -1.21 -2.75 -10.28
C ASN F 24 -0.87 -1.75 -9.18
N ASN F 25 -1.76 -1.67 -8.21
CA ASN F 25 -1.54 -0.97 -6.96
C ASN F 25 -0.24 -1.39 -6.26
N LEU F 26 -0.02 -2.71 -6.18
CA LEU F 26 1.25 -3.27 -5.72
C LEU F 26 2.48 -2.68 -6.39
N THR F 27 2.44 -2.54 -7.71
CA THR F 27 3.61 -2.01 -8.41
C THR F 27 3.87 -0.56 -8.01
N VAL F 28 2.81 0.20 -7.76
CA VAL F 28 2.97 1.58 -7.31
C VAL F 28 3.71 1.55 -5.98
N GLU F 29 3.26 0.71 -5.05
CA GLU F 29 3.90 0.57 -3.75
C GLU F 29 5.35 0.11 -3.89
N ILE F 30 5.62 -0.79 -4.82
CA ILE F 30 6.99 -1.22 -5.06
C ILE F 30 7.85 -0.06 -5.60
N GLU F 31 7.26 0.72 -6.52
CA GLU F 31 7.92 1.91 -7.09
C GLU F 31 8.36 2.87 -5.98
N ASN F 32 7.45 3.14 -5.03
CA ASN F 32 7.78 3.96 -3.86
C ASN F 32 8.88 3.37 -2.99
N GLU F 33 8.86 2.06 -2.77
CA GLU F 33 9.93 1.48 -1.99
C GLU F 33 11.23 1.61 -2.77
N LEU F 34 11.15 1.42 -4.08
CA LEU F 34 12.32 1.58 -4.96
C LEU F 34 13.00 2.93 -4.82
N ASN F 35 12.23 4.01 -4.85
CA ASN F 35 12.90 5.29 -4.85
C ASN F 35 13.23 5.81 -3.44
N ILE F 36 12.55 5.27 -2.43
CA ILE F 36 12.99 5.42 -1.05
C ILE F 36 14.35 4.73 -0.86
N ILE F 37 14.48 3.52 -1.39
CA ILE F 37 15.72 2.78 -1.28
C ILE F 37 16.80 3.52 -2.05
N HIS F 38 16.44 4.02 -3.24
CA HIS F 38 17.35 4.84 -4.05
C HIS F 38 17.92 6.01 -3.23
N LYS F 39 17.04 6.78 -2.57
CA LYS F 39 17.47 7.91 -1.74
C LYS F 39 18.46 7.49 -0.67
N PHE F 40 18.12 6.41 0.02
CA PHE F 40 18.97 5.84 1.04
C PHE F 40 20.33 5.48 0.47
N ILE F 41 20.36 4.79 -0.66
CA ILE F 41 21.62 4.37 -1.23
C ILE F 41 22.50 5.55 -1.62
N ARG F 42 21.95 6.58 -2.28
CA ARG F 42 22.79 7.71 -2.65
C ARG F 42 23.25 8.51 -1.43
N ASP F 43 22.40 8.59 -0.40
CA ASP F 43 22.79 9.20 0.87
C ASP F 43 23.91 8.42 1.54
N LYS F 44 23.75 7.12 1.69
CA LYS F 44 24.75 6.32 2.39
C LYS F 44 26.03 6.08 1.60
N TYR F 45 25.97 6.27 0.29
CA TYR F 45 27.15 6.07 -0.57
C TYR F 45 27.88 7.38 -0.89
N SER F 46 27.28 8.52 -0.51
CA SER F 46 27.93 9.81 -0.63
C SER F 46 29.23 9.81 0.17
N LYS F 47 29.25 9.05 1.27
CA LYS F 47 30.45 8.91 2.10
C LYS F 47 31.67 8.42 1.32
N ARG F 48 31.45 7.52 0.37
CA ARG F 48 32.54 6.94 -0.41
C ARG F 48 32.84 7.68 -1.71
N PHE F 49 31.78 8.10 -2.39
CA PHE F 49 31.90 8.63 -3.75
C PHE F 49 30.77 9.63 -3.98
N PRO F 50 30.89 10.82 -3.37
CA PRO F 50 29.83 11.82 -3.39
C PRO F 50 29.50 12.34 -4.78
N GLU F 51 30.43 12.23 -5.72
CA GLU F 51 30.22 12.81 -7.04
C GLU F 51 29.37 11.95 -7.95
N LEU F 52 29.34 10.64 -7.65
CA LEU F 52 28.69 9.65 -8.51
C LEU F 52 27.25 9.99 -8.84
N GLU F 53 26.54 10.53 -7.86
CA GLU F 53 25.10 10.78 -8.00
C GLU F 53 24.71 11.69 -9.15
N SER F 54 25.53 12.71 -9.42
CA SER F 54 25.23 13.68 -10.46
C SER F 54 25.70 13.19 -11.82
N LEU F 55 26.61 12.23 -11.86
CA LEU F 55 27.01 11.63 -13.13
C LEU F 55 26.05 10.53 -13.59
N VAL F 56 25.46 9.81 -12.65
CA VAL F 56 24.47 8.79 -12.97
C VAL F 56 23.12 9.08 -12.30
N PRO F 57 22.31 9.98 -12.90
CA PRO F 57 21.00 10.33 -12.35
C PRO F 57 19.98 9.17 -12.32
N ASN F 58 20.07 8.25 -13.29
CA ASN F 58 19.12 7.14 -13.39
C ASN F 58 19.26 6.23 -12.18
N ALA F 59 18.15 6.09 -11.47
CA ALA F 59 18.07 5.31 -10.25
C ALA F 59 18.61 3.89 -10.39
N LEU F 60 18.13 3.15 -11.38
CA LEU F 60 18.54 1.76 -11.56
C LEU F 60 20.02 1.71 -11.86
N ASP F 61 20.44 2.52 -12.83
CA ASP F 61 21.83 2.57 -13.26
C ASP F 61 22.73 2.89 -12.07
N TYR F 62 22.29 3.83 -11.24
CA TYR F 62 23.07 4.26 -10.09
C TYR F 62 23.33 3.10 -9.15
N ILE F 63 22.24 2.42 -8.78
CA ILE F 63 22.29 1.31 -7.84
C ILE F 63 23.18 0.18 -8.33
N ARG F 64 23.01 -0.22 -9.58
CA ARG F 64 23.82 -1.29 -10.15
C ARG F 64 25.28 -0.94 -10.11
N THR F 65 25.56 0.34 -10.35
CA THR F 65 26.91 0.86 -10.32
C THR F 65 27.51 0.80 -8.93
N VAL F 66 26.73 1.10 -7.90
CA VAL F 66 27.31 1.08 -6.55
C VAL F 66 27.50 -0.36 -6.11
N LYS F 67 26.61 -1.24 -6.55
CA LYS F 67 26.80 -2.67 -6.36
C LYS F 67 28.09 -3.13 -7.02
N GLU F 68 28.36 -2.67 -8.24
CA GLU F 68 29.57 -3.09 -8.94
C GLU F 68 30.83 -2.58 -8.23
N LEU F 69 30.84 -1.31 -7.87
CA LEU F 69 32.04 -0.68 -7.34
C LEU F 69 32.33 -0.98 -5.88
N GLY F 70 31.33 -0.80 -5.02
CA GLY F 70 31.51 -0.89 -3.56
C GLY F 70 32.59 0.05 -3.06
N ASN F 71 33.54 -0.50 -2.30
CA ASN F 71 34.68 0.27 -1.79
C ASN F 71 35.77 0.50 -2.82
N SER F 72 36.09 -0.54 -3.59
CA SER F 72 37.19 -0.49 -4.54
C SER F 72 36.80 0.28 -5.79
N LEU F 73 37.21 1.55 -5.85
CA LEU F 73 36.91 2.42 -6.98
C LEU F 73 37.88 2.23 -8.17
N ASP F 74 39.11 1.82 -7.90
CA ASP F 74 40.03 1.49 -9.00
C ASP F 74 39.60 0.16 -9.62
N LYS F 75 38.57 0.24 -10.47
CA LYS F 75 37.72 -0.87 -10.85
C LYS F 75 36.73 -0.39 -11.92
N CYS F 76 36.97 0.82 -12.41
CA CYS F 76 36.22 1.39 -13.53
C CYS F 76 36.83 0.93 -14.85
N LYS F 77 38.16 0.91 -14.88
CA LYS F 77 38.92 0.45 -16.04
C LYS F 77 38.54 -0.97 -16.43
N ASN F 78 38.12 -1.13 -17.69
CA ASN F 78 37.89 -2.44 -18.32
C ASN F 78 36.93 -3.36 -17.57
N ASN F 79 35.87 -2.80 -17.03
CA ASN F 79 34.93 -3.59 -16.29
C ASN F 79 33.79 -4.03 -17.20
N GLU F 80 33.74 -5.33 -17.49
CA GLU F 80 32.71 -5.87 -18.33
C GLU F 80 31.32 -5.69 -17.69
N ASN F 81 31.24 -5.83 -16.37
CA ASN F 81 29.97 -5.61 -15.67
C ASN F 81 29.52 -4.17 -15.84
N LEU F 82 30.44 -3.24 -15.62
CA LEU F 82 30.18 -1.80 -15.77
C LEU F 82 29.69 -1.43 -17.16
N GLN F 83 30.36 -2.03 -18.15
CA GLN F 83 30.06 -1.79 -19.55
C GLN F 83 28.68 -2.31 -19.96
N GLN F 84 28.01 -3.07 -19.08
CA GLN F 84 26.61 -3.47 -19.27
C GLN F 84 25.66 -2.43 -18.70
N ILE F 85 26.15 -1.60 -17.79
CA ILE F 85 25.32 -0.67 -17.03
C ILE F 85 25.31 0.73 -17.65
N LEU F 86 26.50 1.31 -17.82
CA LEU F 86 26.69 2.70 -18.25
C LEU F 86 27.39 2.77 -19.58
N THR F 87 27.26 3.90 -20.26
CA THR F 87 27.92 4.10 -21.56
C THR F 87 29.43 4.37 -21.37
N ASN F 88 30.21 4.15 -22.42
CA ASN F 88 31.63 4.49 -22.38
C ASN F 88 31.80 5.97 -22.03
N ALA F 89 30.89 6.79 -22.57
CA ALA F 89 30.87 8.23 -22.32
C ALA F 89 30.81 8.56 -20.83
N THR F 90 29.90 7.92 -20.10
CA THR F 90 29.84 8.17 -18.66
C THR F 90 30.90 7.38 -17.86
N ILE F 91 31.22 6.15 -18.28
CA ILE F 91 32.33 5.41 -17.68
C ILE F 91 33.64 6.24 -17.63
N MET F 92 34.07 6.78 -18.77
CA MET F 92 35.31 7.60 -18.76
C MET F 92 35.21 8.75 -17.77
N VAL F 93 34.06 9.43 -17.79
CA VAL F 93 33.77 10.53 -16.86
C VAL F 93 33.81 10.12 -15.36
N VAL F 94 33.17 9.01 -14.99
CA VAL F 94 33.23 8.57 -13.59
C VAL F 94 34.65 8.13 -13.19
N SER F 95 35.35 7.46 -14.10
CA SER F 95 36.76 7.06 -13.87
C SER F 95 37.62 8.25 -13.46
N VAL F 96 37.60 9.30 -14.27
CA VAL F 96 38.39 10.50 -13.99
C VAL F 96 38.02 11.13 -12.64
N THR F 97 36.73 11.41 -12.43
CA THR F 97 36.33 12.08 -11.19
C THR F 97 36.46 11.21 -9.95
N ALA F 98 36.49 9.90 -10.12
CA ALA F 98 36.79 8.99 -9.02
C ALA F 98 38.22 9.14 -8.45
N SER F 99 39.23 9.24 -9.33
CA SER F 99 40.64 9.29 -8.90
C SER F 99 41.00 10.41 -7.91
N THR F 100 40.14 11.43 -7.84
CA THR F 100 40.31 12.60 -6.95
C THR F 100 39.02 12.93 -6.19
N THR F 101 38.59 12.02 -5.30
CA THR F 101 37.19 12.09 -4.80
C THR F 101 36.87 12.91 -3.52
N GLN F 102 37.32 12.47 -2.35
CA GLN F 102 36.90 13.09 -1.07
C GLN F 102 36.51 12.04 -0.03
N GLY F 103 35.78 11.01 -0.46
CA GLY F 103 35.65 9.78 0.34
C GLY F 103 37.05 9.18 0.47
N GLN F 104 37.44 8.62 1.62
CA GLN F 104 36.60 8.15 2.73
C GLN F 104 35.94 6.85 2.35
N GLN F 105 36.64 5.75 2.60
CA GLN F 105 36.07 4.47 2.29
C GLN F 105 35.38 3.82 3.47
N LEU F 106 34.40 2.99 3.16
CA LEU F 106 33.46 2.55 4.15
C LEU F 106 33.93 1.32 4.93
N SER F 107 33.37 1.15 6.12
CA SER F 107 33.64 -0.02 6.94
C SER F 107 32.86 -1.22 6.43
N GLU F 108 33.17 -2.40 6.97
CA GLU F 108 32.57 -3.65 6.54
C GLU F 108 31.06 -3.65 6.71
N GLU F 109 30.60 -2.93 7.72
CA GLU F 109 29.18 -2.92 8.02
C GLU F 109 28.46 -1.76 7.36
N GLU F 110 29.22 -0.77 6.90
CA GLU F 110 28.65 0.24 6.01
C GLU F 110 28.44 -0.35 4.62
N LEU F 111 29.32 -1.27 4.22
CA LEU F 111 29.25 -1.99 2.95
C LEU F 111 28.09 -2.97 2.91
N GLU F 112 28.06 -3.93 3.86
CA GLU F 112 26.93 -4.84 4.02
C GLU F 112 25.60 -4.10 3.86
N ARG F 113 25.51 -2.98 4.57
CA ARG F 113 24.30 -2.19 4.55
C ARG F 113 23.94 -1.72 3.13
N LEU F 114 24.92 -1.22 2.37
CA LEU F 114 24.67 -0.85 0.96
C LEU F 114 24.42 -2.04 0.04
N GLU F 115 25.26 -3.06 0.12
CA GLU F 115 25.08 -4.30 -0.60
C GLU F 115 23.64 -4.83 -0.46
N GLU F 116 23.19 -5.00 0.76
CA GLU F 116 21.87 -5.58 0.99
C GLU F 116 20.75 -4.75 0.38
N ALA F 117 20.89 -3.43 0.44
CA ALA F 117 19.88 -2.53 -0.08
C ALA F 117 19.84 -2.63 -1.61
N CYS F 118 21.02 -2.61 -2.24
CA CYS F 118 21.17 -2.79 -3.68
C CYS F 118 20.50 -4.07 -4.17
N ASP F 119 20.83 -5.19 -3.52
CA ASP F 119 20.22 -6.46 -3.90
C ASP F 119 18.73 -6.37 -3.81
N MET F 120 18.22 -5.80 -2.72
CA MET F 120 16.81 -5.74 -2.51
C MET F 120 16.14 -4.86 -3.56
N ALA F 121 16.78 -3.74 -3.87
CA ALA F 121 16.30 -2.85 -4.92
C ALA F 121 16.20 -3.56 -6.28
N LEU F 122 17.21 -4.33 -6.65
CA LEU F 122 17.20 -5.06 -7.93
C LEU F 122 16.11 -6.12 -7.96
N GLU F 123 15.87 -6.73 -6.82
CA GLU F 123 14.93 -7.80 -6.73
C GLU F 123 13.51 -7.20 -6.83
N LEU F 124 13.30 -6.03 -6.22
CA LEU F 124 12.04 -5.32 -6.30
C LEU F 124 11.81 -4.79 -7.70
N ASN F 125 12.87 -4.39 -8.37
CA ASN F 125 12.72 -3.92 -9.73
C ASN F 125 12.25 -5.08 -10.61
N ALA F 126 12.86 -6.25 -10.42
CA ALA F 126 12.48 -7.43 -11.19
C ALA F 126 11.02 -7.79 -10.94
N SER F 127 10.59 -7.78 -9.68
CA SER F 127 9.28 -8.31 -9.43
C SER F 127 8.18 -7.30 -9.74
N LYS F 128 8.53 -6.03 -9.73
CA LYS F 128 7.65 -4.98 -10.28
C LYS F 128 7.37 -5.21 -11.76
N HIS F 129 8.41 -5.51 -12.53
CA HIS F 129 8.24 -5.86 -13.94
C HIS F 129 7.41 -7.14 -14.14
N ARG F 130 7.68 -8.18 -13.34
CA ARG F 130 6.90 -9.40 -13.45
C ARG F 130 5.42 -9.19 -13.10
N ILE F 131 5.12 -8.33 -12.13
CA ILE F 131 3.74 -8.04 -11.78
C ILE F 131 3.08 -7.24 -12.89
N TYR F 132 3.76 -6.20 -13.39
CA TYR F 132 3.22 -5.41 -14.48
C TYR F 132 3.03 -6.20 -15.78
N GLU F 133 3.75 -7.31 -15.94
CA GLU F 133 3.48 -8.16 -17.09
C GLU F 133 2.14 -8.85 -16.94
N TYR F 134 1.81 -9.28 -15.72
CA TYR F 134 0.53 -9.88 -15.44
C TYR F 134 -0.62 -8.88 -15.64
N VAL F 135 -0.42 -7.64 -15.18
CA VAL F 135 -1.43 -6.59 -15.31
C VAL F 135 -1.70 -6.30 -16.80
N GLU F 136 -0.67 -6.12 -17.60
CA GLU F 136 -0.82 -5.88 -19.03
C GLU F 136 -1.56 -7.00 -19.77
N SER F 137 -1.15 -8.23 -19.53
CA SER F 137 -1.74 -9.41 -20.16
C SER F 137 -3.23 -9.52 -19.81
N ARG F 138 -3.58 -9.37 -18.54
CA ARG F 138 -4.98 -9.40 -18.16
C ARG F 138 -5.80 -8.18 -18.62
N MET F 139 -5.21 -6.99 -18.60
CA MET F 139 -5.97 -5.80 -19.07
C MET F 139 -6.30 -5.88 -20.56
N SER F 140 -5.39 -6.49 -21.32
CA SER F 140 -5.63 -6.70 -22.70
C SER F 140 -6.68 -7.79 -22.93
N PHE F 141 -7.13 -8.46 -21.89
CA PHE F 141 -8.29 -9.32 -22.05
C PHE F 141 -9.53 -8.62 -21.53
N ILE F 142 -9.39 -7.99 -20.38
CA ILE F 142 -10.51 -7.35 -19.71
C ILE F 142 -10.99 -6.11 -20.49
N ALA F 143 -10.05 -5.28 -20.97
CA ALA F 143 -10.40 -4.08 -21.73
C ALA F 143 -9.38 -3.78 -22.82
N PRO F 144 -9.36 -4.56 -23.90
CA PRO F 144 -8.26 -4.42 -24.88
C PRO F 144 -8.13 -3.03 -25.54
N ASN F 145 -9.23 -2.40 -25.91
CA ASN F 145 -9.10 -1.13 -26.64
C ASN F 145 -8.69 0.02 -25.74
N LEU F 146 -9.18 -0.01 -24.52
CA LEU F 146 -8.90 1.01 -23.54
C LEU F 146 -7.43 0.95 -23.13
N SER F 147 -6.86 -0.25 -23.01
CA SER F 147 -5.47 -0.38 -22.57
C SER F 147 -4.48 0.05 -23.62
N ILE F 148 -4.81 -0.17 -24.88
CA ILE F 148 -3.95 0.33 -25.95
C ILE F 148 -3.80 1.86 -25.88
N ILE F 149 -4.85 2.58 -25.52
CA ILE F 149 -4.78 4.04 -25.53
C ILE F 149 -3.88 4.61 -24.43
N ILE F 150 -4.30 4.42 -23.17
CA ILE F 150 -3.63 4.95 -21.98
C ILE F 150 -2.75 3.97 -21.22
N GLY F 151 -2.59 2.75 -21.75
CA GLY F 151 -1.80 1.72 -21.07
C GLY F 151 -2.54 0.98 -19.96
N ALA F 152 -2.03 -0.20 -19.63
CA ALA F 152 -2.73 -1.05 -18.68
C ALA F 152 -2.84 -0.43 -17.27
N SER F 153 -1.78 0.27 -16.85
CA SER F 153 -1.75 0.86 -15.50
C SER F 153 -2.87 1.89 -15.29
N THR F 154 -2.89 2.91 -16.15
CA THR F 154 -3.91 3.95 -16.05
C THR F 154 -5.32 3.33 -16.20
N ALA F 155 -5.47 2.34 -17.07
CA ALA F 155 -6.76 1.71 -17.34
C ALA F 155 -7.28 1.02 -16.11
N ALA F 156 -6.38 0.30 -15.45
CA ALA F 156 -6.73 -0.39 -14.21
C ALA F 156 -7.10 0.62 -13.13
N LYS F 157 -6.30 1.66 -12.95
CA LYS F 157 -6.68 2.72 -12.02
C LYS F 157 -8.09 3.31 -12.28
N ILE F 158 -8.42 3.67 -13.53
CA ILE F 158 -9.71 4.34 -13.75
C ILE F 158 -10.84 3.36 -13.56
N MET F 159 -10.56 2.09 -13.87
CA MET F 159 -11.55 1.02 -13.72
C MET F 159 -11.84 0.69 -12.27
N GLY F 160 -10.81 0.77 -11.43
CA GLY F 160 -10.95 0.55 -9.99
C GLY F 160 -11.84 1.63 -9.40
N VAL F 161 -11.47 2.88 -9.59
CA VAL F 161 -12.29 3.95 -9.05
C VAL F 161 -13.76 3.85 -9.52
N ALA F 162 -13.99 3.43 -10.76
CA ALA F 162 -15.36 3.36 -11.30
C ALA F 162 -16.14 2.12 -10.90
N GLY F 163 -15.44 1.10 -10.39
CA GLY F 163 -16.09 -0.17 -10.03
C GLY F 163 -16.40 -1.04 -11.24
N GLY F 164 -15.41 -1.17 -12.13
CA GLY F 164 -15.55 -2.06 -13.26
C GLY F 164 -15.92 -1.39 -14.57
N LEU F 165 -15.79 -2.19 -15.63
CA LEU F 165 -15.94 -1.74 -17.00
C LEU F 165 -17.36 -1.30 -17.31
N THR F 166 -18.34 -2.03 -16.78
CA THR F 166 -19.71 -1.63 -16.96
C THR F 166 -20.08 -0.28 -16.37
N ASN F 167 -19.65 -0.01 -15.15
CA ASN F 167 -19.91 1.30 -14.55
C ASN F 167 -19.17 2.36 -15.32
N LEU F 168 -17.92 2.06 -15.65
CA LEU F 168 -17.11 2.99 -16.43
C LEU F 168 -17.82 3.40 -17.72
N SER F 169 -18.41 2.44 -18.41
CA SER F 169 -19.09 2.67 -19.69
C SER F 169 -20.37 3.50 -19.58
N LYS F 170 -20.84 3.77 -18.36
CA LYS F 170 -22.05 4.57 -18.19
C LYS F 170 -21.72 5.97 -17.68
N MET F 171 -20.44 6.29 -17.59
CA MET F 171 -20.02 7.67 -17.26
C MET F 171 -19.74 8.49 -18.53
N PRO F 172 -20.06 9.80 -18.49
CA PRO F 172 -19.78 10.64 -19.67
C PRO F 172 -18.30 10.98 -19.73
N ALA F 173 -17.82 11.35 -20.91
CA ALA F 173 -16.40 11.67 -21.08
C ALA F 173 -15.84 12.68 -20.03
N CYS F 174 -16.62 13.70 -19.72
CA CYS F 174 -16.17 14.73 -18.79
C CYS F 174 -15.99 14.25 -17.34
N ASN F 175 -16.57 13.11 -16.97
CA ASN F 175 -16.29 12.62 -15.60
C ASN F 175 -15.14 11.66 -15.60
N ILE F 176 -15.06 10.86 -16.66
CA ILE F 176 -13.97 9.91 -16.78
C ILE F 176 -12.67 10.67 -16.72
N MET F 177 -12.67 11.86 -17.31
CA MET F 177 -11.49 12.70 -17.29
C MET F 177 -11.02 12.90 -15.88
N LEU F 178 -11.97 12.94 -14.95
CA LEU F 178 -11.72 13.42 -13.61
C LEU F 178 -11.59 12.32 -12.59
N LEU F 179 -11.70 11.08 -13.00
CA LEU F 179 -11.53 9.97 -12.07
C LEU F 179 -10.13 9.99 -11.46
N GLY F 180 -10.09 9.95 -10.13
CA GLY F 180 -8.84 9.92 -9.41
C GLY F 180 -8.30 11.31 -9.08
N ALA F 181 -9.13 12.33 -9.22
CA ALA F 181 -8.74 13.69 -8.85
C ALA F 181 -8.68 13.83 -7.31
N GLN F 182 -7.73 14.63 -6.81
CA GLN F 182 -7.46 14.74 -5.35
C GLN F 182 -8.58 15.40 -4.55
N ARG F 183 -8.72 14.98 -3.29
CA ARG F 183 -9.69 15.53 -2.33
C ARG F 183 -10.85 16.32 -2.96
N SER F 193 0.50 22.18 -3.87
CA SER F 193 -0.85 21.74 -4.24
C SER F 193 -0.87 21.04 -5.62
N VAL F 194 -1.81 20.12 -5.80
CA VAL F 194 -2.02 19.47 -7.10
C VAL F 194 -2.52 20.52 -8.12
N LEU F 195 -2.62 20.12 -9.39
CA LEU F 195 -3.21 20.98 -10.38
C LEU F 195 -4.72 20.71 -10.41
N PRO F 196 -5.53 21.78 -10.32
CA PRO F 196 -6.99 21.60 -10.28
C PRO F 196 -7.52 20.86 -11.51
N HIS F 197 -8.59 20.06 -11.31
CA HIS F 197 -9.29 19.31 -12.36
C HIS F 197 -8.39 18.38 -13.16
N THR F 198 -7.60 17.57 -12.46
CA THR F 198 -6.73 16.61 -13.12
C THR F 198 -6.91 15.25 -12.47
N GLY F 199 -7.08 14.21 -13.28
CA GLY F 199 -7.32 12.86 -12.77
C GLY F 199 -6.22 11.92 -13.19
N TYR F 200 -6.50 10.63 -13.19
CA TYR F 200 -5.49 9.66 -13.59
C TYR F 200 -5.09 9.86 -15.04
N ILE F 201 -6.05 10.36 -15.83
CA ILE F 201 -5.79 10.53 -17.26
C ILE F 201 -4.72 11.60 -17.54
N TYR F 202 -4.80 12.73 -16.82
CA TYR F 202 -3.79 13.78 -16.96
C TYR F 202 -2.43 13.27 -16.56
N HIS F 203 -2.36 12.34 -15.61
CA HIS F 203 -1.07 11.83 -15.15
C HIS F 203 -0.58 10.57 -15.87
N SER F 204 -1.27 10.18 -16.94
CA SER F 204 -0.87 9.02 -17.74
C SER F 204 0.30 9.34 -18.62
N ASP F 205 1.05 8.31 -19.00
CA ASP F 205 2.22 8.47 -19.85
C ASP F 205 1.83 9.20 -21.13
N ILE F 206 0.70 8.82 -21.74
CA ILE F 206 0.31 9.45 -23.00
C ILE F 206 0.15 10.97 -22.84
N VAL F 207 -0.54 11.42 -21.81
CA VAL F 207 -0.75 12.85 -21.67
C VAL F 207 0.55 13.57 -21.26
N GLN F 208 1.32 12.90 -20.41
CA GLN F 208 2.54 13.44 -19.80
C GLN F 208 3.69 13.53 -20.83
N SER F 209 3.52 12.91 -22.00
CA SER F 209 4.56 12.92 -23.03
C SER F 209 4.55 14.25 -23.79
N LEU F 210 3.49 15.02 -23.58
CA LEU F 210 3.38 16.31 -24.20
C LEU F 210 4.10 17.43 -23.42
N PRO F 211 4.47 18.52 -24.12
CA PRO F 211 4.88 19.75 -23.45
C PRO F 211 3.82 20.19 -22.45
N PRO F 212 4.26 20.67 -21.27
CA PRO F 212 3.35 21.16 -20.23
C PRO F 212 2.14 21.99 -20.74
N ASP F 213 2.36 22.92 -21.67
CA ASP F 213 1.27 23.79 -22.15
C ASP F 213 0.14 23.04 -22.87
N LEU F 214 0.44 21.83 -23.39
CA LEU F 214 -0.55 21.04 -24.14
C LEU F 214 -1.23 19.89 -23.38
N ARG F 215 -0.86 19.71 -22.11
CA ARG F 215 -1.35 18.56 -21.35
C ARG F 215 -2.84 18.60 -20.98
N ARG F 216 -3.38 19.76 -20.64
CA ARG F 216 -4.81 19.83 -20.34
C ARG F 216 -5.60 19.45 -21.56
N LYS F 217 -5.18 19.97 -22.69
CA LYS F 217 -5.79 19.69 -23.97
C LYS F 217 -5.68 18.21 -24.31
N ALA F 218 -4.50 17.63 -24.12
CA ALA F 218 -4.31 16.20 -24.34
C ALA F 218 -5.20 15.33 -23.44
N ALA F 219 -5.41 15.76 -22.20
CA ALA F 219 -6.21 15.00 -21.27
C ALA F 219 -7.66 15.00 -21.73
N ARG F 220 -8.12 16.13 -22.25
CA ARG F 220 -9.47 16.25 -22.73
C ARG F 220 -9.66 15.26 -23.88
N LEU F 221 -8.71 15.23 -24.81
CA LEU F 221 -8.79 14.36 -25.98
C LEU F 221 -8.65 12.86 -25.64
N VAL F 222 -7.71 12.53 -24.77
CA VAL F 222 -7.56 11.17 -24.34
C VAL F 222 -8.79 10.71 -23.52
N ALA F 223 -9.33 11.56 -22.67
CA ALA F 223 -10.52 11.15 -21.94
C ALA F 223 -11.69 10.90 -22.89
N ALA F 224 -11.88 11.80 -23.86
CA ALA F 224 -12.95 11.60 -24.85
C ALA F 224 -12.85 10.26 -25.58
N LYS F 225 -11.66 9.88 -26.04
CA LYS F 225 -11.55 8.68 -26.84
C LYS F 225 -11.51 7.40 -26.01
N CYS F 226 -11.02 7.51 -24.78
CA CYS F 226 -11.09 6.41 -23.82
C CYS F 226 -12.54 6.02 -23.50
N THR F 227 -13.42 7.01 -23.42
CA THR F 227 -14.83 6.78 -23.21
C THR F 227 -15.39 5.94 -24.35
N LEU F 228 -15.04 6.30 -25.56
CA LEU F 228 -15.44 5.48 -26.70
C LEU F 228 -14.89 4.05 -26.57
N ALA F 229 -13.60 3.91 -26.28
CA ALA F 229 -12.98 2.58 -26.17
C ALA F 229 -13.57 1.74 -25.06
N ALA F 230 -13.97 2.40 -23.98
CA ALA F 230 -14.45 1.66 -22.82
C ALA F 230 -15.84 1.08 -23.09
N ARG F 231 -16.69 1.88 -23.74
CA ARG F 231 -17.98 1.39 -24.25
C ARG F 231 -17.80 0.16 -25.14
N VAL F 232 -16.92 0.27 -26.14
CA VAL F 232 -16.64 -0.85 -27.02
C VAL F 232 -16.22 -2.08 -26.23
N ASP F 233 -15.28 -1.91 -25.29
CA ASP F 233 -14.80 -3.04 -24.48
C ASP F 233 -15.91 -3.64 -23.63
N SER F 234 -16.82 -2.81 -23.14
CA SER F 234 -17.90 -3.32 -22.27
C SER F 234 -18.85 -4.25 -23.00
N PHE F 235 -18.87 -4.20 -24.33
CA PHE F 235 -19.62 -5.19 -25.10
C PHE F 235 -18.77 -6.30 -25.68
N HIS F 236 -17.50 -6.36 -25.24
CA HIS F 236 -16.53 -7.35 -25.73
C HIS F 236 -16.43 -7.36 -27.25
N GLU F 237 -16.52 -6.20 -27.87
CA GLU F 237 -16.34 -6.10 -29.30
C GLU F 237 -14.91 -5.65 -29.60
N SER F 238 -14.51 -5.73 -30.86
CA SER F 238 -13.16 -5.34 -31.30
C SER F 238 -12.08 -5.87 -30.37
N THR F 239 -12.15 -7.16 -30.16
CA THR F 239 -11.32 -7.93 -29.22
C THR F 239 -9.81 -7.91 -29.45
N GLU F 240 -9.43 -7.67 -30.70
CA GLU F 240 -8.05 -7.63 -31.10
C GLU F 240 -7.52 -6.21 -31.27
N GLY F 241 -8.34 -5.22 -30.88
CA GLY F 241 -7.84 -3.89 -30.61
C GLY F 241 -8.01 -2.87 -31.72
N LYS F 242 -8.73 -3.26 -32.77
CA LYS F 242 -8.96 -2.33 -33.88
C LYS F 242 -9.34 -0.93 -33.41
N VAL F 243 -10.33 -0.83 -32.52
CA VAL F 243 -10.81 0.50 -32.10
C VAL F 243 -9.72 1.29 -31.36
N GLY F 244 -9.04 0.65 -30.42
CA GLY F 244 -7.97 1.29 -29.67
C GLY F 244 -6.77 1.72 -30.50
N TYR F 245 -6.28 0.82 -31.37
CA TYR F 245 -5.17 1.12 -32.26
C TYR F 245 -5.49 2.30 -33.12
N GLU F 246 -6.68 2.28 -33.71
CA GLU F 246 -7.05 3.36 -34.63
C GLU F 246 -7.24 4.68 -33.91
N LEU F 247 -7.82 4.64 -32.70
CA LEU F 247 -7.97 5.85 -31.88
C LEU F 247 -6.60 6.43 -31.45
N LYS F 248 -5.69 5.56 -31.01
CA LYS F 248 -4.35 5.98 -30.58
C LYS F 248 -3.62 6.68 -31.74
N ASP F 249 -3.61 6.07 -32.93
CA ASP F 249 -3.04 6.72 -34.12
C ASP F 249 -3.66 8.10 -34.34
N GLU F 250 -4.96 8.22 -34.11
CA GLU F 250 -5.67 9.46 -34.34
C GLU F 250 -5.22 10.50 -33.29
N ILE F 251 -5.16 10.08 -32.03
CA ILE F 251 -4.71 10.93 -30.97
C ILE F 251 -3.30 11.44 -31.29
N GLU F 252 -2.40 10.52 -31.65
CA GLU F 252 -1.00 10.88 -31.85
C GLU F 252 -0.77 11.80 -33.05
N ARG F 253 -1.61 11.69 -34.06
CA ARG F 253 -1.58 12.61 -35.19
C ARG F 253 -1.92 14.02 -34.75
N LYS F 254 -2.90 14.18 -33.85
CA LYS F 254 -3.24 15.50 -33.34
C LYS F 254 -2.12 16.07 -32.48
N PHE F 255 -1.56 15.24 -31.61
CA PHE F 255 -0.41 15.68 -30.80
C PHE F 255 0.65 16.29 -31.72
N ASP F 256 0.93 15.62 -32.83
CA ASP F 256 1.92 16.12 -33.80
C ASP F 256 1.50 17.47 -34.39
N LYS F 257 0.23 17.59 -34.77
CA LYS F 257 -0.29 18.83 -35.31
C LYS F 257 -0.17 20.01 -34.34
N TRP F 258 -0.47 19.78 -33.06
CA TRP F 258 -0.29 20.85 -32.07
C TRP F 258 1.20 21.24 -31.91
N GLN F 259 2.07 20.28 -32.27
CA GLN F 259 3.52 20.19 -32.04
C GLN F 259 3.77 19.65 -30.65
N GLU F 260 4.23 18.40 -30.54
CA GLU F 260 4.64 17.81 -29.26
C GLU F 260 5.90 18.55 -28.79
#